data_4LAF
#
_entry.id   4LAF
#
_cell.length_a   188.553
_cell.length_b   188.553
_cell.length_c   61.203
_cell.angle_alpha   90.00
_cell.angle_beta   90.00
_cell.angle_gamma   120.00
#
_symmetry.space_group_name_H-M   'H 3'
#
loop_
_entity.id
_entity.type
_entity.pdbx_description
1 polymer 'NAD(P)H dehydrogenase (quinone)'
2 non-polymer 'FLAVIN MONONUCLEOTIDE'
#
_entity_poly.entity_id   1
_entity_poly.type   'polypeptide(L)'
_entity_poly.pdbx_seq_one_letter_code
;MPTKIQIVFYSSYGHIYKMAEAIAAGAREVGDVEVTLLQVPELMPEEVQVKSGIKGYRAAFGSIPYATPEVLAEADAIIF
GTPTRFGNMCSQMRNFLDQTGGLWMSGGLIGKVGSVFTSTASQHGGQETTITSFHTTLLHHGMVIVGVPYSEPGLTNMTE
ISGGTPYGASTLAGADGSRQPSENELQIARFQGKHVATIAKRLANNK
;
_entity_poly.pdbx_strand_id   A,B,C,D
#
loop_
_chem_comp.id
_chem_comp.type
_chem_comp.name
_chem_comp.formula
FMN non-polymer 'FLAVIN MONONUCLEOTIDE' 'C17 H21 N4 O9 P'
#
# COMPACT_ATOMS: atom_id res chain seq x y z
N MET A 1 34.72 12.88 6.59
CA MET A 1 34.34 12.58 5.21
C MET A 1 32.99 13.21 4.88
N PRO A 2 32.84 13.71 3.65
CA PRO A 2 31.57 14.36 3.28
C PRO A 2 30.45 13.34 3.32
N THR A 3 29.26 13.77 3.72
CA THR A 3 28.09 12.93 3.57
C THR A 3 27.84 12.73 2.08
N LYS A 4 27.57 11.51 1.66
CA LYS A 4 27.38 11.24 0.24
C LYS A 4 25.91 11.02 -0.10
N ILE A 5 25.38 11.83 -1.01
CA ILE A 5 23.97 11.69 -1.39
C ILE A 5 23.93 11.35 -2.87
N GLN A 6 23.24 10.25 -3.23
CA GLN A 6 23.01 9.96 -4.63
C GLN A 6 21.54 10.19 -4.98
N ILE A 7 21.31 10.80 -6.13
CA ILE A 7 19.95 11.01 -6.62
C ILE A 7 19.84 10.19 -7.89
N VAL A 8 19.10 9.10 -7.81
CA VAL A 8 19.07 8.09 -8.86
C VAL A 8 17.69 8.11 -9.49
N PHE A 9 17.63 8.31 -10.80
CA PHE A 9 16.33 8.58 -11.41
C PHE A 9 16.19 8.00 -12.82
N TYR A 10 14.94 7.83 -13.24
CA TYR A 10 14.65 7.62 -14.65
C TYR A 10 13.75 8.76 -15.11
N SER A 11 13.91 9.18 -16.37
CA SER A 11 13.03 10.22 -16.91
C SER A 11 12.87 9.99 -18.40
N SER A 12 11.65 10.16 -18.92
CA SER A 12 11.42 10.04 -20.36
C SER A 12 11.39 11.42 -21.02
N TYR A 13 10.70 12.34 -20.38
CA TYR A 13 10.42 13.65 -20.98
C TYR A 13 10.98 14.81 -20.16
N GLY A 14 11.74 14.50 -19.11
CA GLY A 14 12.48 15.52 -18.40
C GLY A 14 11.89 16.03 -17.08
N HIS A 15 10.64 15.69 -16.78
CA HIS A 15 10.04 16.18 -15.56
C HIS A 15 10.80 15.71 -14.32
N ILE A 16 11.06 14.40 -14.25
CA ILE A 16 11.81 13.85 -13.12
C ILE A 16 13.24 14.40 -13.07
N TYR A 17 13.85 14.60 -14.23
CA TYR A 17 15.19 15.21 -14.26
C TYR A 17 15.18 16.61 -13.62
N LYS A 18 14.19 17.43 -13.98
CA LYS A 18 14.10 18.76 -13.38
C LYS A 18 13.90 18.71 -11.86
N MET A 19 13.08 17.77 -11.39
CA MET A 19 12.86 17.61 -9.95
C MET A 19 14.15 17.16 -9.30
N ALA A 20 14.87 16.27 -9.97
CA ALA A 20 16.12 15.75 -9.45
C ALA A 20 17.15 16.86 -9.21
N GLU A 21 17.21 17.84 -10.13
CA GLU A 21 18.12 18.97 -9.93
C GLU A 21 17.70 19.84 -8.74
N ALA A 22 16.40 19.96 -8.50
CA ALA A 22 15.91 20.68 -7.32
C ALA A 22 16.22 19.92 -6.02
N ILE A 23 16.03 18.61 -6.03
CA ILE A 23 16.40 17.75 -4.89
C ILE A 23 17.89 17.94 -4.58
N ALA A 24 18.71 17.93 -5.63
CA ALA A 24 20.16 18.05 -5.46
C ALA A 24 20.55 19.39 -4.85
N ALA A 25 19.90 20.46 -5.32
CA ALA A 25 20.19 21.80 -4.82
C ALA A 25 19.91 21.87 -3.33
N GLY A 26 18.83 21.21 -2.92
CA GLY A 26 18.46 21.19 -1.51
C GLY A 26 19.47 20.41 -0.71
N ALA A 27 19.88 19.25 -1.23
CA ALA A 27 20.83 18.41 -0.53
C ALA A 27 22.13 19.16 -0.32
N ARG A 28 22.52 19.96 -1.30
CA ARG A 28 23.80 20.68 -1.22
C ARG A 28 23.83 21.74 -0.12
N GLU A 29 22.66 22.12 0.37
CA GLU A 29 22.57 23.20 1.36
C GLU A 29 23.12 22.82 2.73
N VAL A 30 23.32 21.53 2.98
CA VAL A 30 23.71 21.08 4.32
C VAL A 30 25.21 21.25 4.62
N GLY A 31 26.04 21.32 3.57
CA GLY A 31 27.47 21.49 3.77
C GLY A 31 28.18 20.18 4.10
N ASP A 32 29.48 20.13 3.84
CA ASP A 32 30.26 18.90 4.00
C ASP A 32 29.55 17.72 3.38
N VAL A 33 29.16 17.88 2.12
CA VAL A 33 28.29 16.93 1.45
C VAL A 33 28.68 16.81 -0.02
N GLU A 34 28.51 15.63 -0.59
CA GLU A 34 28.74 15.43 -2.02
C GLU A 34 27.46 14.86 -2.61
N VAL A 35 26.87 15.57 -3.57
CA VAL A 35 25.61 15.14 -4.16
C VAL A 35 25.83 14.82 -5.62
N THR A 36 25.43 13.61 -6.01
CA THR A 36 25.66 13.14 -7.36
C THR A 36 24.36 12.64 -7.97
N LEU A 37 24.04 13.16 -9.16
CA LEU A 37 22.89 12.68 -9.92
C LEU A 37 23.34 11.52 -10.79
N LEU A 38 22.53 10.46 -10.83
CA LEU A 38 22.81 9.29 -11.65
C LEU A 38 21.51 8.86 -12.31
N GLN A 39 21.56 8.46 -13.58
CA GLN A 39 20.34 8.03 -14.25
C GLN A 39 20.37 6.53 -14.54
N VAL A 40 19.20 5.90 -14.56
CA VAL A 40 19.15 4.48 -14.86
C VAL A 40 18.99 4.24 -16.37
N PRO A 41 19.45 3.07 -16.83
CA PRO A 41 19.46 2.75 -18.27
C PRO A 41 18.05 2.66 -18.85
N GLU A 42 17.94 3.04 -20.12
CA GLU A 42 16.70 2.97 -20.85
C GLU A 42 16.44 1.53 -21.29
N LEU A 43 15.17 1.14 -21.35
CA LEU A 43 14.79 -0.19 -21.80
C LEU A 43 14.11 -0.18 -23.18
N MET A 44 13.54 0.97 -23.52
CA MET A 44 12.77 1.12 -24.75
C MET A 44 13.64 0.83 -25.97
N PRO A 45 13.08 0.06 -26.94
CA PRO A 45 13.80 -0.20 -28.19
C PRO A 45 14.15 1.11 -28.89
N GLU A 46 15.27 1.12 -29.60
CA GLU A 46 15.78 2.33 -30.22
C GLU A 46 14.77 3.02 -31.14
N GLU A 47 14.05 2.24 -31.95
CA GLU A 47 13.13 2.81 -32.92
C GLU A 47 12.00 3.52 -32.20
N VAL A 48 11.58 2.93 -31.08
CA VAL A 48 10.50 3.50 -30.28
C VAL A 48 10.95 4.79 -29.61
N GLN A 49 12.19 4.81 -29.12
CA GLN A 49 12.72 6.03 -28.51
C GLN A 49 12.69 7.16 -29.52
N VAL A 50 13.06 6.86 -30.75
CA VAL A 50 13.13 7.88 -31.80
C VAL A 50 11.73 8.40 -32.14
N LYS A 51 10.82 7.49 -32.47
CA LYS A 51 9.50 7.86 -32.95
C LYS A 51 8.62 8.48 -31.88
N SER A 52 8.90 8.17 -30.62
CA SER A 52 8.14 8.73 -29.52
C SER A 52 8.69 10.10 -29.12
N GLY A 53 9.90 10.41 -29.58
CA GLY A 53 10.54 11.66 -29.26
C GLY A 53 11.37 11.55 -28.00
N ILE A 54 11.27 10.42 -27.34
CA ILE A 54 11.94 10.23 -26.04
C ILE A 54 13.47 10.29 -26.18
N LYS A 55 13.98 9.76 -27.28
CA LYS A 55 15.40 9.87 -27.59
C LYS A 55 15.85 11.33 -27.46
N GLY A 56 15.11 12.22 -28.11
CA GLY A 56 15.42 13.65 -28.08
C GLY A 56 15.28 14.28 -26.71
N TYR A 57 14.20 13.97 -26.00
CA TYR A 57 14.03 14.58 -24.68
C TYR A 57 15.10 14.10 -23.70
N ARG A 58 15.44 12.81 -23.76
CA ARG A 58 16.43 12.25 -22.85
C ARG A 58 17.82 12.83 -23.13
N ALA A 59 18.07 13.19 -24.40
CA ALA A 59 19.35 13.76 -24.78
C ALA A 59 19.67 15.05 -24.02
N ALA A 60 18.62 15.72 -23.53
CA ALA A 60 18.81 16.96 -22.78
C ALA A 60 19.59 16.72 -21.48
N PHE A 61 19.59 15.48 -21.00
CA PHE A 61 20.39 15.15 -19.83
C PHE A 61 21.25 13.91 -20.08
N GLY A 62 21.62 13.71 -21.35
CA GLY A 62 22.31 12.50 -21.76
C GLY A 62 23.68 12.32 -21.14
N SER A 63 24.26 13.40 -20.63
CA SER A 63 25.59 13.36 -20.04
C SER A 63 25.59 12.98 -18.55
N ILE A 64 24.41 12.92 -17.92
CA ILE A 64 24.33 12.41 -16.55
C ILE A 64 24.82 10.97 -16.52
N PRO A 65 25.79 10.63 -15.65
CA PRO A 65 26.31 9.27 -15.67
C PRO A 65 25.24 8.23 -15.32
N TYR A 66 25.43 7.01 -15.81
CA TYR A 66 24.49 5.93 -15.54
C TYR A 66 24.80 5.23 -14.23
N ALA A 67 23.76 5.04 -13.42
CA ALA A 67 23.91 4.32 -12.18
C ALA A 67 24.12 2.85 -12.50
N THR A 68 24.87 2.18 -11.64
CA THR A 68 25.01 0.73 -11.64
C THR A 68 24.64 0.28 -10.24
N PRO A 69 24.20 -0.97 -10.10
CA PRO A 69 23.77 -1.41 -8.76
C PRO A 69 24.85 -1.25 -7.71
N GLU A 70 26.09 -1.56 -8.04
CA GLU A 70 27.17 -1.52 -7.04
C GLU A 70 27.47 -0.12 -6.51
N VAL A 71 27.27 0.90 -7.34
CA VAL A 71 27.60 2.26 -6.93
C VAL A 71 26.74 2.73 -5.78
N LEU A 72 25.54 2.16 -5.64
CA LEU A 72 24.62 2.59 -4.60
C LEU A 72 25.21 2.42 -3.20
N ALA A 73 26.07 1.43 -3.05
CA ALA A 73 26.70 1.11 -1.77
C ALA A 73 27.59 2.24 -1.27
N GLU A 74 27.97 3.15 -2.17
CA GLU A 74 28.86 4.25 -1.82
C GLU A 74 28.16 5.37 -1.06
N ALA A 75 26.83 5.40 -1.12
CA ALA A 75 26.07 6.53 -0.59
C ALA A 75 25.67 6.41 0.88
N ASP A 76 25.48 7.56 1.51
CA ASP A 76 24.86 7.59 2.83
C ASP A 76 23.34 7.66 2.67
N ALA A 77 22.88 8.28 1.58
CA ALA A 77 21.46 8.38 1.31
C ALA A 77 21.24 8.25 -0.18
N ILE A 78 20.14 7.61 -0.58
CA ILE A 78 19.80 7.59 -2.00
C ILE A 78 18.37 8.07 -2.15
N ILE A 79 18.19 9.08 -3.02
CA ILE A 79 16.87 9.63 -3.30
C ILE A 79 16.50 9.23 -4.72
N PHE A 80 15.41 8.47 -4.85
CA PHE A 80 15.08 7.83 -6.12
C PHE A 80 13.97 8.61 -6.78
N GLY A 81 14.09 8.84 -8.08
CA GLY A 81 13.05 9.54 -8.83
C GLY A 81 12.51 8.67 -9.94
N THR A 82 11.19 8.56 -10.04
CA THR A 82 10.56 7.82 -11.13
C THR A 82 9.24 8.47 -11.54
N PRO A 83 8.97 8.51 -12.85
CA PRO A 83 7.61 8.86 -13.25
C PRO A 83 6.71 7.69 -12.90
N THR A 84 5.43 7.94 -12.64
CA THR A 84 4.54 6.82 -12.34
C THR A 84 4.23 6.03 -13.61
N ARG A 85 4.02 4.73 -13.45
CA ARG A 85 3.38 3.96 -14.50
C ARG A 85 2.21 3.25 -13.84
N PHE A 86 1.01 3.83 -13.97
CA PHE A 86 -0.17 3.26 -13.33
C PHE A 86 0.02 3.01 -11.84
N GLY A 87 0.66 3.94 -11.14
CA GLY A 87 0.76 3.86 -9.69
C GLY A 87 1.86 2.95 -9.16
N ASN A 88 2.76 2.51 -10.04
CA ASN A 88 4.00 1.85 -9.64
C ASN A 88 5.18 2.64 -10.20
N MET A 89 6.40 2.34 -9.74
CA MET A 89 7.58 2.86 -10.42
C MET A 89 7.61 2.35 -11.86
N CYS A 90 8.33 3.03 -12.75
CA CYS A 90 8.41 2.61 -14.15
C CYS A 90 9.29 1.36 -14.30
N SER A 91 9.15 0.66 -15.43
CA SER A 91 9.91 -0.56 -15.67
C SER A 91 11.43 -0.35 -15.73
N GLN A 92 11.85 0.82 -16.22
CA GLN A 92 13.28 1.14 -16.23
C GLN A 92 13.87 1.14 -14.81
N MET A 93 13.19 1.80 -13.88
CA MET A 93 13.62 1.79 -12.49
C MET A 93 13.46 0.40 -11.87
N ARG A 94 12.37 -0.27 -12.22
CA ARG A 94 12.12 -1.60 -11.68
C ARG A 94 13.23 -2.55 -12.12
N ASN A 95 13.64 -2.49 -13.38
CA ASN A 95 14.69 -3.39 -13.83
C ASN A 95 16.03 -3.11 -13.15
N PHE A 96 16.32 -1.83 -12.94
CA PHE A 96 17.54 -1.44 -12.27
C PHE A 96 17.54 -1.99 -10.85
N LEU A 97 16.45 -1.77 -10.13
CA LEU A 97 16.34 -2.28 -8.75
C LEU A 97 16.36 -3.81 -8.70
N ASP A 98 15.87 -4.46 -9.75
CA ASP A 98 15.85 -5.91 -9.77
C ASP A 98 17.27 -6.44 -9.86
N GLN A 99 18.19 -5.57 -10.25
CA GLN A 99 19.60 -5.91 -10.39
C GLN A 99 20.37 -5.74 -9.08
N THR A 100 19.67 -5.31 -8.03
CA THR A 100 20.31 -5.04 -6.73
C THR A 100 20.23 -6.23 -5.76
N GLY A 101 19.99 -7.43 -6.29
CA GLY A 101 19.93 -8.60 -5.44
C GLY A 101 21.25 -8.84 -4.69
N GLY A 102 22.36 -8.53 -5.35
CA GLY A 102 23.65 -8.59 -4.70
C GLY A 102 23.75 -7.67 -3.50
N LEU A 103 23.46 -6.38 -3.70
CA LEU A 103 23.42 -5.45 -2.58
C LEU A 103 22.49 -5.92 -1.48
N TRP A 104 21.38 -6.52 -1.87
CA TRP A 104 20.41 -6.99 -0.90
C TRP A 104 21.02 -8.08 -0.02
N MET A 105 21.58 -9.09 -0.66
CA MET A 105 22.10 -10.21 0.11
C MET A 105 23.36 -9.85 0.91
N SER A 106 24.10 -8.84 0.46
CA SER A 106 25.24 -8.35 1.22
C SER A 106 24.89 -7.29 2.25
N GLY A 107 23.62 -6.92 2.36
CA GLY A 107 23.23 -5.86 3.28
C GLY A 107 23.83 -4.51 2.93
N GLY A 108 24.14 -4.30 1.66
CA GLY A 108 24.83 -3.11 1.20
C GLY A 108 24.09 -1.79 1.40
N LEU A 109 22.76 -1.84 1.48
CA LEU A 109 21.99 -0.62 1.73
C LEU A 109 21.40 -0.50 3.14
N ILE A 110 21.64 -1.49 4.00
CA ILE A 110 21.08 -1.43 5.34
C ILE A 110 21.51 -0.19 6.14
N GLY A 111 20.53 0.53 6.68
CA GLY A 111 20.79 1.65 7.54
C GLY A 111 21.01 2.96 6.80
N LYS A 112 21.03 2.90 5.47
CA LYS A 112 21.15 4.10 4.65
C LYS A 112 19.78 4.74 4.50
N VAL A 113 19.76 6.05 4.30
CA VAL A 113 18.51 6.78 4.18
C VAL A 113 18.00 6.59 2.76
N GLY A 114 16.72 6.24 2.63
CA GLY A 114 16.08 6.09 1.33
C GLY A 114 14.92 7.06 1.23
N SER A 115 14.73 7.64 0.05
CA SER A 115 13.67 8.64 -0.12
C SER A 115 13.26 8.63 -1.59
N VAL A 116 12.04 9.09 -1.91
CA VAL A 116 11.49 8.93 -3.25
C VAL A 116 10.77 10.19 -3.69
N PHE A 117 10.82 10.50 -4.99
CA PHE A 117 9.96 11.54 -5.57
C PHE A 117 9.40 11.07 -6.92
N THR A 118 8.28 11.62 -7.37
CA THR A 118 7.62 11.07 -8.55
C THR A 118 6.98 12.16 -9.43
N SER A 119 6.40 11.73 -10.55
CA SER A 119 5.67 12.63 -11.43
CA SER A 119 5.69 12.63 -11.46
C SER A 119 4.50 11.88 -12.05
N THR A 120 3.35 12.53 -12.18
CA THR A 120 2.17 11.87 -12.74
C THR A 120 1.43 12.78 -13.71
N ALA A 121 0.54 12.19 -14.51
CA ALA A 121 -0.22 12.95 -15.49
C ALA A 121 -1.41 13.65 -14.83
N SER A 122 -1.98 13.01 -13.82
CA SER A 122 -3.23 13.49 -13.22
C SER A 122 -3.08 13.74 -11.72
N GLN A 123 -4.00 14.55 -11.18
CA GLN A 123 -3.89 14.97 -9.78
C GLN A 123 -3.82 13.85 -8.75
N HIS A 124 -4.54 12.75 -8.97
CA HIS A 124 -4.49 11.67 -7.96
C HIS A 124 -4.27 10.30 -8.58
N GLY A 125 -3.64 10.30 -9.74
CA GLY A 125 -3.29 9.07 -10.42
C GLY A 125 -1.90 8.61 -10.01
N GLY A 126 -1.76 8.20 -8.76
CA GLY A 126 -0.51 7.63 -8.30
C GLY A 126 0.52 8.61 -7.76
N GLN A 127 0.07 9.77 -7.34
CA GLN A 127 0.98 10.73 -6.72
C GLN A 127 1.49 10.16 -5.42
N GLU A 128 0.65 9.36 -4.76
CA GLU A 128 1.00 8.78 -3.45
C GLU A 128 1.35 7.30 -3.55
N THR A 129 0.54 6.53 -4.27
CA THR A 129 0.77 5.09 -4.35
C THR A 129 2.10 4.70 -5.03
N THR A 130 2.57 5.53 -5.96
CA THR A 130 3.85 5.25 -6.60
C THR A 130 4.94 5.29 -5.56
N ILE A 131 4.82 6.25 -4.65
CA ILE A 131 5.83 6.45 -3.62
C ILE A 131 5.71 5.36 -2.56
N THR A 132 4.50 5.05 -2.12
CA THR A 132 4.39 4.08 -1.05
C THR A 132 4.80 2.68 -1.50
N SER A 133 4.54 2.35 -2.77
CA SER A 133 4.99 1.07 -3.30
C SER A 133 6.51 1.01 -3.47
N PHE A 134 7.12 2.16 -3.72
CA PHE A 134 8.57 2.26 -3.82
C PHE A 134 9.16 2.00 -2.44
N HIS A 135 8.54 2.54 -1.42
CA HIS A 135 9.00 2.39 -0.03
C HIS A 135 9.11 0.92 0.36
N THR A 136 8.22 0.10 -0.16
CA THR A 136 8.26 -1.33 0.10
C THR A 136 9.62 -1.88 -0.26
N THR A 137 10.07 -1.58 -1.47
CA THR A 137 11.37 -2.08 -1.94
C THR A 137 12.51 -1.57 -1.08
N LEU A 138 12.43 -0.30 -0.68
CA LEU A 138 13.51 0.29 0.10
C LEU A 138 13.59 -0.37 1.46
N LEU A 139 12.42 -0.72 2.01
CA LEU A 139 12.38 -1.45 3.28
C LEU A 139 12.95 -2.87 3.17
N HIS A 140 12.78 -3.53 2.03
CA HIS A 140 13.43 -4.83 1.84
C HIS A 140 14.92 -4.66 1.90
N HIS A 141 15.39 -3.50 1.44
CA HIS A 141 16.82 -3.21 1.47
C HIS A 141 17.32 -2.73 2.83
N GLY A 142 16.41 -2.69 3.81
CA GLY A 142 16.75 -2.27 5.15
C GLY A 142 17.08 -0.80 5.29
N MET A 143 16.57 0.03 4.39
CA MET A 143 16.81 1.47 4.47
C MET A 143 15.92 2.17 5.48
N VAL A 144 16.39 3.32 5.92
CA VAL A 144 15.63 4.21 6.79
C VAL A 144 14.84 5.16 5.89
N ILE A 145 13.51 5.12 5.98
CA ILE A 145 12.68 5.89 5.04
C ILE A 145 12.34 7.30 5.51
N VAL A 146 12.58 8.29 4.64
CA VAL A 146 12.28 9.68 4.93
C VAL A 146 11.39 10.26 3.84
N GLY A 147 10.34 10.95 4.25
CA GLY A 147 9.47 11.66 3.32
C GLY A 147 9.64 13.16 3.48
N VAL A 148 8.54 13.90 3.43
CA VAL A 148 8.57 15.36 3.53
C VAL A 148 7.62 15.77 4.64
N PRO A 149 8.17 16.26 5.74
CA PRO A 149 7.34 16.69 6.88
C PRO A 149 6.46 17.88 6.54
N TYR A 150 5.35 18.03 7.27
CA TYR A 150 4.44 19.16 7.07
C TYR A 150 4.99 20.50 7.58
N SER A 151 6.22 20.49 8.10
CA SER A 151 6.93 21.74 8.36
C SER A 151 7.24 22.46 7.05
N GLU A 152 7.08 21.75 5.94
CA GLU A 152 7.16 22.37 4.62
C GLU A 152 5.79 22.91 4.21
N PRO A 153 5.65 24.24 4.15
CA PRO A 153 4.36 24.85 3.86
C PRO A 153 3.77 24.45 2.51
N GLY A 154 4.61 24.16 1.53
CA GLY A 154 4.14 23.80 0.20
C GLY A 154 3.13 22.66 0.23
N LEU A 155 3.27 21.75 1.19
CA LEU A 155 2.39 20.56 1.26
C LEU A 155 0.90 20.89 1.47
N THR A 156 0.64 22.04 2.07
CA THR A 156 -0.74 22.41 2.40
C THR A 156 -1.26 23.55 1.52
N ASN A 157 -0.53 23.85 0.46
CA ASN A 157 -0.98 24.84 -0.53
C ASN A 157 -2.34 24.47 -1.08
N MET A 158 -3.28 25.43 -1.05
CA MET A 158 -4.60 25.20 -1.60
C MET A 158 -5.02 26.38 -2.50
N THR A 159 -4.03 27.08 -3.04
CA THR A 159 -4.30 28.17 -3.97
C THR A 159 -4.02 27.81 -5.43
N GLU A 160 -3.21 26.79 -5.69
CA GLU A 160 -2.90 26.37 -7.05
C GLU A 160 -2.74 24.86 -7.10
N ILE A 161 -3.00 24.24 -8.25
CA ILE A 161 -2.75 22.81 -8.39
C ILE A 161 -1.26 22.58 -8.13
N SER A 162 -0.96 21.61 -7.26
CA SER A 162 0.43 21.36 -6.92
C SER A 162 0.67 19.90 -6.57
N GLY A 163 1.82 19.37 -6.98
CA GLY A 163 2.30 18.11 -6.44
C GLY A 163 2.92 18.34 -5.06
N GLY A 164 3.59 17.33 -4.54
CA GLY A 164 4.15 17.41 -3.21
C GLY A 164 3.30 16.62 -2.24
N THR A 165 3.91 15.63 -1.61
CA THR A 165 3.21 14.75 -0.69
C THR A 165 4.08 14.53 0.56
N PRO A 166 3.45 14.20 1.69
CA PRO A 166 4.24 13.92 2.90
C PRO A 166 5.10 12.68 2.73
N TYR A 167 4.81 11.87 1.71
CA TYR A 167 5.58 10.67 1.44
C TYR A 167 6.81 10.97 0.59
N GLY A 168 6.83 12.14 -0.06
CA GLY A 168 7.90 12.47 -0.99
C GLY A 168 7.40 13.50 -1.99
N ALA A 169 8.31 14.29 -2.54
CA ALA A 169 7.96 15.33 -3.50
C ALA A 169 7.37 14.73 -4.76
N SER A 170 6.58 15.53 -5.47
CA SER A 170 5.99 15.06 -6.72
C SER A 170 5.69 16.26 -7.60
N THR A 171 5.54 16.01 -8.89
CA THR A 171 5.16 17.05 -9.82
C THR A 171 4.06 16.51 -10.70
N LEU A 172 3.34 17.41 -11.35
CA LEU A 172 2.27 17.02 -12.26
C LEU A 172 2.67 17.40 -13.68
N ALA A 173 2.69 16.41 -14.57
CA ALA A 173 3.12 16.64 -15.95
C ALA A 173 1.96 17.00 -16.86
N GLY A 174 0.73 16.82 -16.37
CA GLY A 174 -0.44 17.01 -17.22
C GLY A 174 -0.70 15.80 -18.11
N ALA A 175 -1.89 15.73 -18.67
CA ALA A 175 -2.29 14.56 -19.44
C ALA A 175 -1.37 14.30 -20.63
N ASP A 176 -0.74 15.35 -21.14
CA ASP A 176 0.09 15.21 -22.34
C ASP A 176 1.54 15.57 -22.07
N GLY A 177 1.91 15.68 -20.79
CA GLY A 177 3.28 15.96 -20.42
C GLY A 177 3.67 17.41 -20.60
N SER A 178 2.72 18.26 -20.97
CA SER A 178 3.04 19.65 -21.26
C SER A 178 3.36 20.52 -20.04
N ARG A 179 2.87 20.14 -18.87
CA ARG A 179 3.09 20.96 -17.68
C ARG A 179 4.48 20.73 -17.12
N GLN A 180 5.18 21.81 -16.78
CA GLN A 180 6.49 21.69 -16.18
C GLN A 180 6.38 21.92 -14.69
N PRO A 181 7.38 21.48 -13.93
CA PRO A 181 7.29 21.60 -12.48
C PRO A 181 7.15 23.04 -12.03
N SER A 182 6.24 23.28 -11.07
CA SER A 182 5.98 24.62 -10.56
C SER A 182 6.99 25.03 -9.49
N GLU A 183 7.03 26.32 -9.16
CA GLU A 183 7.92 26.76 -8.09
C GLU A 183 7.59 26.05 -6.79
N ASN A 184 6.29 25.89 -6.51
CA ASN A 184 5.90 25.20 -5.29
C ASN A 184 6.43 23.78 -5.26
N GLU A 185 6.28 23.06 -6.38
CA GLU A 185 6.77 21.69 -6.47
C GLU A 185 8.29 21.59 -6.33
N LEU A 186 9.01 22.53 -6.93
CA LEU A 186 10.46 22.52 -6.89
C LEU A 186 10.95 22.89 -5.50
N GLN A 187 10.25 23.81 -4.85
CA GLN A 187 10.54 24.22 -3.47
C GLN A 187 10.40 23.02 -2.54
N ILE A 188 9.36 22.23 -2.77
CA ILE A 188 9.11 21.05 -1.93
C ILE A 188 10.21 20.02 -2.16
N ALA A 189 10.58 19.80 -3.41
CA ALA A 189 11.71 18.93 -3.74
C ALA A 189 13.00 19.42 -3.08
N ARG A 190 13.22 20.73 -3.12
CA ARG A 190 14.43 21.27 -2.53
C ARG A 190 14.46 20.97 -1.04
N PHE A 191 13.34 21.21 -0.36
CA PHE A 191 13.22 20.87 1.05
C PHE A 191 13.49 19.38 1.30
N GLN A 192 12.90 18.52 0.48
CA GLN A 192 13.16 17.08 0.62
C GLN A 192 14.66 16.78 0.57
N GLY A 193 15.37 17.37 -0.38
CA GLY A 193 16.79 17.12 -0.51
C GLY A 193 17.54 17.55 0.74
N LYS A 194 17.23 18.76 1.23
CA LYS A 194 17.87 19.26 2.45
C LYS A 194 17.56 18.37 3.66
N HIS A 195 16.30 17.99 3.78
CA HIS A 195 15.85 17.18 4.90
C HIS A 195 16.50 15.80 4.92
N VAL A 196 16.49 15.14 3.76
CA VAL A 196 17.16 13.85 3.64
C VAL A 196 18.65 13.98 3.91
N ALA A 197 19.26 15.02 3.36
CA ALA A 197 20.69 15.21 3.58
C ALA A 197 21.04 15.45 5.04
N THR A 198 20.16 16.17 5.75
CA THR A 198 20.37 16.45 7.17
C THR A 198 20.32 15.15 8.00
N ILE A 199 19.31 14.33 7.73
CA ILE A 199 19.14 13.07 8.45
C ILE A 199 20.33 12.16 8.15
N ALA A 200 20.74 12.10 6.89
CA ALA A 200 21.83 11.21 6.50
C ALA A 200 23.14 11.65 7.15
N LYS A 201 23.35 12.95 7.21
CA LYS A 201 24.57 13.50 7.81
C LYS A 201 24.62 13.17 9.30
N ARG A 202 23.48 13.29 9.96
CA ARG A 202 23.42 12.97 11.39
C ARG A 202 23.70 11.49 11.63
N LEU A 203 23.18 10.63 10.75
CA LEU A 203 23.48 9.21 10.85
C LEU A 203 24.93 8.91 10.50
N ALA A 204 25.45 9.59 9.48
CA ALA A 204 26.81 9.33 8.98
C ALA A 204 27.91 9.76 9.95
N ASN A 205 27.69 10.90 10.61
CA ASN A 205 28.69 11.43 11.53
C ASN A 205 28.58 10.79 12.91
N ASN A 206 27.65 9.84 13.02
CA ASN A 206 27.52 9.02 14.22
C ASN A 206 27.64 7.55 13.84
N LYS A 207 28.72 7.23 13.12
CA LYS A 207 28.98 5.89 12.59
C LYS A 207 28.43 4.78 13.48
N PRO B 2 19.25 10.65 28.30
CA PRO B 2 19.31 9.40 27.54
C PRO B 2 18.38 9.43 26.34
N THR B 3 18.59 8.50 25.41
CA THR B 3 17.68 8.35 24.28
C THR B 3 16.39 7.70 24.77
N LYS B 4 15.25 8.31 24.44
CA LYS B 4 13.98 7.84 24.97
C LYS B 4 13.21 7.05 23.91
N ILE B 5 12.86 5.82 24.25
CA ILE B 5 12.11 4.96 23.34
C ILE B 5 10.78 4.67 23.99
N GLN B 6 9.70 5.01 23.31
CA GLN B 6 8.38 4.65 23.81
C GLN B 6 7.81 3.54 22.94
N ILE B 7 7.21 2.55 23.58
CA ILE B 7 6.56 1.46 22.88
C ILE B 7 5.08 1.58 23.22
N VAL B 8 4.30 2.03 22.24
CA VAL B 8 2.90 2.33 22.44
C VAL B 8 2.08 1.24 21.79
N PHE B 9 1.17 0.61 22.53
CA PHE B 9 0.50 -0.55 21.96
C PHE B 9 -0.94 -0.68 22.40
N TYR B 10 -1.69 -1.46 21.62
CA TYR B 10 -2.96 -2.00 22.07
C TYR B 10 -2.88 -3.52 22.00
N SER B 11 -3.47 -4.22 22.98
CA SER B 11 -3.55 -5.66 22.91
C SER B 11 -4.86 -6.13 23.50
N SER B 12 -5.52 -7.11 22.87
CA SER B 12 -6.78 -7.66 23.39
C SER B 12 -6.56 -8.93 24.21
N TYR B 13 -5.84 -9.88 23.63
CA TYR B 13 -5.59 -11.16 24.29
C TYR B 13 -4.12 -11.36 24.64
N GLY B 14 -3.34 -10.29 24.55
CA GLY B 14 -1.96 -10.33 25.02
C GLY B 14 -0.85 -10.61 24.02
N HIS B 15 -1.18 -10.99 22.79
CA HIS B 15 -0.13 -11.31 21.82
C HIS B 15 0.77 -10.11 21.55
N ILE B 16 0.15 -8.95 21.32
CA ILE B 16 0.92 -7.75 21.04
C ILE B 16 1.71 -7.32 22.28
N TYR B 17 1.12 -7.53 23.45
CA TYR B 17 1.81 -7.18 24.69
C TYR B 17 3.06 -8.03 24.87
N LYS B 18 2.97 -9.32 24.58
CA LYS B 18 4.15 -10.18 24.65
C LYS B 18 5.24 -9.73 23.67
N MET B 19 4.84 -9.36 22.46
CA MET B 19 5.80 -8.85 21.48
C MET B 19 6.40 -7.55 21.94
N ALA B 20 5.58 -6.71 22.57
CA ALA B 20 6.05 -5.42 23.08
C ALA B 20 7.15 -5.61 24.11
N GLU B 21 7.00 -6.61 24.98
CA GLU B 21 8.03 -6.88 25.97
C GLU B 21 9.35 -7.27 25.30
N ALA B 22 9.27 -7.99 24.18
CA ALA B 22 10.46 -8.41 23.47
C ALA B 22 11.11 -7.21 22.77
N ILE B 23 10.29 -6.35 22.16
CA ILE B 23 10.80 -5.12 21.58
C ILE B 23 11.54 -4.29 22.65
N ALA B 24 10.93 -4.19 23.82
CA ALA B 24 11.54 -3.46 24.94
C ALA B 24 12.89 -4.06 25.31
N ALA B 25 12.92 -5.38 25.46
CA ALA B 25 14.16 -6.09 25.81
C ALA B 25 15.28 -5.78 24.80
N GLY B 26 14.94 -5.76 23.52
CA GLY B 26 15.93 -5.46 22.49
C GLY B 26 16.43 -4.02 22.59
N ALA B 27 15.50 -3.09 22.77
CA ALA B 27 15.86 -1.69 22.87
C ALA B 27 16.79 -1.44 24.06
N ARG B 28 16.52 -2.12 25.17
CA ARG B 28 17.37 -1.99 26.37
C ARG B 28 18.82 -2.47 26.16
N GLU B 29 19.08 -3.24 25.11
CA GLU B 29 20.42 -3.74 24.84
C GLU B 29 21.39 -2.64 24.40
N VAL B 30 20.83 -1.47 24.11
CA VAL B 30 21.63 -0.31 23.71
C VAL B 30 21.84 0.56 24.94
N GLY B 31 23.08 0.98 25.19
CA GLY B 31 23.38 1.75 26.38
C GLY B 31 22.73 3.13 26.38
N ASP B 32 22.52 3.67 27.58
CA ASP B 32 22.05 5.04 27.72
C ASP B 32 20.70 5.23 27.01
N VAL B 33 19.80 4.28 27.21
CA VAL B 33 18.45 4.37 26.66
C VAL B 33 17.42 4.17 27.76
N GLU B 34 16.32 4.89 27.66
CA GLU B 34 15.20 4.75 28.57
C GLU B 34 14.01 4.24 27.77
N VAL B 35 13.56 3.03 28.09
CA VAL B 35 12.48 2.39 27.34
C VAL B 35 11.21 2.34 28.19
N THR B 36 10.13 2.90 27.66
CA THR B 36 8.87 2.95 28.40
C THR B 36 7.69 2.37 27.62
N LEU B 37 6.99 1.41 28.22
CA LEU B 37 5.78 0.85 27.61
C LEU B 37 4.59 1.72 27.99
N LEU B 38 3.74 2.01 27.01
CA LEU B 38 2.51 2.77 27.21
C LEU B 38 1.41 2.07 26.42
N GLN B 39 0.18 2.06 26.94
CA GLN B 39 -0.90 1.40 26.22
C GLN B 39 -1.97 2.41 25.86
N VAL B 40 -2.78 2.09 24.85
CA VAL B 40 -3.85 2.98 24.46
C VAL B 40 -5.18 2.55 25.08
N PRO B 41 -6.06 3.53 25.33
CA PRO B 41 -7.34 3.27 25.98
C PRO B 41 -8.19 2.26 25.20
N GLU B 42 -8.97 1.48 25.93
CA GLU B 42 -9.91 0.53 25.34
C GLU B 42 -11.17 1.27 24.88
N LEU B 43 -11.77 0.79 23.79
CA LEU B 43 -13.04 1.35 23.29
C LEU B 43 -14.19 0.38 23.49
N MET B 44 -13.85 -0.90 23.64
CA MET B 44 -14.84 -1.97 23.81
C MET B 44 -15.70 -1.79 25.06
N PRO B 45 -17.03 -1.93 24.90
CA PRO B 45 -17.98 -1.80 26.01
C PRO B 45 -17.62 -2.73 27.16
N GLU B 46 -17.82 -2.26 28.39
CA GLU B 46 -17.52 -3.05 29.59
C GLU B 46 -18.02 -4.49 29.48
N GLU B 47 -19.31 -4.64 29.19
CA GLU B 47 -19.94 -5.96 29.12
C GLU B 47 -19.29 -6.87 28.09
N VAL B 48 -18.86 -6.29 26.98
CA VAL B 48 -18.22 -7.06 25.91
C VAL B 48 -16.86 -7.58 26.35
N GLN B 49 -16.10 -6.73 27.05
CA GLN B 49 -14.80 -7.12 27.58
C GLN B 49 -14.91 -8.35 28.47
N VAL B 50 -15.81 -8.29 29.45
CA VAL B 50 -15.96 -9.42 30.37
C VAL B 50 -16.53 -10.65 29.67
N LYS B 51 -17.48 -10.45 28.77
CA LYS B 51 -18.10 -11.55 28.05
C LYS B 51 -17.13 -12.29 27.13
N SER B 52 -16.16 -11.56 26.59
CA SER B 52 -15.22 -12.13 25.62
C SER B 52 -13.93 -12.65 26.28
N GLY B 53 -13.81 -12.41 27.58
CA GLY B 53 -12.61 -12.80 28.32
C GLY B 53 -11.46 -11.83 28.10
N ILE B 54 -11.72 -10.77 27.33
CA ILE B 54 -10.69 -9.76 27.05
C ILE B 54 -10.35 -8.93 28.29
N LYS B 55 -11.36 -8.67 29.13
CA LYS B 55 -11.12 -7.90 30.35
C LYS B 55 -10.04 -8.55 31.21
N GLY B 56 -10.09 -9.87 31.32
CA GLY B 56 -9.12 -10.63 32.10
C GLY B 56 -7.71 -10.50 31.56
N TYR B 57 -7.55 -10.70 30.26
CA TYR B 57 -6.24 -10.61 29.63
C TYR B 57 -5.67 -9.21 29.75
N ARG B 58 -6.51 -8.20 29.49
CA ARG B 58 -6.04 -6.82 29.56
C ARG B 58 -5.66 -6.43 30.98
N ALA B 59 -6.37 -6.99 31.96
CA ALA B 59 -6.09 -6.64 33.34
C ALA B 59 -4.69 -7.11 33.73
N ALA B 60 -4.18 -8.11 33.02
CA ALA B 60 -2.83 -8.62 33.27
C ALA B 60 -1.77 -7.53 33.13
N PHE B 61 -1.90 -6.71 32.09
CA PHE B 61 -1.00 -5.56 31.94
C PHE B 61 -1.66 -4.23 32.34
N GLY B 62 -2.56 -4.29 33.31
CA GLY B 62 -3.27 -3.10 33.74
C GLY B 62 -2.41 -2.01 34.34
N SER B 63 -1.24 -2.39 34.86
CA SER B 63 -0.35 -1.43 35.53
C SER B 63 0.39 -0.52 34.55
N ILE B 64 0.33 -0.85 33.27
CA ILE B 64 1.01 -0.03 32.27
C ILE B 64 0.24 1.28 32.04
N PRO B 65 0.92 2.43 32.13
CA PRO B 65 0.24 3.72 31.99
C PRO B 65 -0.31 3.91 30.59
N TYR B 66 -1.33 4.74 30.46
CA TYR B 66 -1.88 5.06 29.15
C TYR B 66 -1.08 6.15 28.45
N ALA B 67 -0.82 5.93 27.16
CA ALA B 67 -0.19 6.95 26.33
C ALA B 67 -1.13 8.14 26.25
N THR B 68 -0.54 9.33 26.12
CA THR B 68 -1.29 10.54 25.80
C THR B 68 -0.57 11.18 24.63
N PRO B 69 -1.30 11.94 23.81
CA PRO B 69 -0.64 12.68 22.72
C PRO B 69 0.53 13.51 23.22
N GLU B 70 0.30 14.25 24.30
CA GLU B 70 1.35 15.10 24.87
C GLU B 70 2.66 14.34 25.15
N VAL B 71 2.56 13.15 25.74
CA VAL B 71 3.76 12.43 26.16
C VAL B 71 4.61 11.95 24.98
N LEU B 72 3.96 11.78 23.83
CA LEU B 72 4.67 11.33 22.63
C LEU B 72 5.80 12.28 22.24
N ALA B 73 5.59 13.57 22.48
CA ALA B 73 6.57 14.59 22.17
C ALA B 73 7.94 14.33 22.80
N GLU B 74 7.93 13.65 23.94
CA GLU B 74 9.15 13.46 24.72
C GLU B 74 10.06 12.36 24.19
N ALA B 75 9.55 11.57 23.26
CA ALA B 75 10.29 10.43 22.73
C ALA B 75 11.29 10.80 21.63
N ASP B 76 12.35 9.99 21.54
CA ASP B 76 13.25 10.00 20.38
C ASP B 76 12.77 8.99 19.33
N ALA B 77 12.13 7.92 19.77
CA ALA B 77 11.59 6.91 18.87
C ALA B 77 10.30 6.42 19.48
N ILE B 78 9.33 6.09 18.65
CA ILE B 78 8.11 5.48 19.11
C ILE B 78 7.89 4.23 18.27
N ILE B 79 7.77 3.09 18.94
CA ILE B 79 7.47 1.83 18.29
C ILE B 79 6.05 1.43 18.64
N PHE B 80 5.19 1.32 17.62
CA PHE B 80 3.76 1.11 17.82
C PHE B 80 3.39 -0.35 17.59
N GLY B 81 2.60 -0.93 18.51
CA GLY B 81 2.12 -2.28 18.33
C GLY B 81 0.61 -2.32 18.22
N THR B 82 0.12 -3.05 17.23
CA THR B 82 -1.33 -3.20 17.06
C THR B 82 -1.64 -4.58 16.48
N PRO B 83 -2.72 -5.21 16.97
CA PRO B 83 -3.21 -6.41 16.30
C PRO B 83 -3.85 -5.97 14.99
N THR B 84 -3.85 -6.81 13.96
CA THR B 84 -4.52 -6.39 12.74
C THR B 84 -6.03 -6.42 12.92
N ARG B 85 -6.72 -5.53 12.23
CA ARG B 85 -8.17 -5.63 12.06
C ARG B 85 -8.38 -5.57 10.56
N PHE B 86 -8.47 -6.74 9.93
CA PHE B 86 -8.69 -6.82 8.48
C PHE B 86 -7.64 -6.01 7.71
N GLY B 87 -6.39 -6.08 8.15
CA GLY B 87 -5.31 -5.45 7.38
C GLY B 87 -5.06 -3.98 7.62
N ASN B 88 -5.69 -3.43 8.66
CA ASN B 88 -5.41 -2.10 9.16
C ASN B 88 -5.10 -2.19 10.65
N MET B 89 -4.55 -1.10 11.22
CA MET B 89 -4.46 -1.00 12.66
C MET B 89 -5.85 -1.07 13.30
N CYS B 90 -5.89 -1.43 14.58
CA CYS B 90 -7.15 -1.55 15.30
C CYS B 90 -7.74 -0.17 15.65
N SER B 91 -9.03 -0.13 15.91
CA SER B 91 -9.69 1.14 16.18
C SER B 91 -9.20 1.82 17.45
N GLN B 92 -8.75 1.04 18.43
CA GLN B 92 -8.25 1.63 19.67
C GLN B 92 -6.99 2.44 19.38
N MET B 93 -6.08 1.88 18.58
CA MET B 93 -4.90 2.62 18.13
C MET B 93 -5.28 3.77 17.21
N ARG B 94 -6.23 3.53 16.32
CA ARG B 94 -6.65 4.58 15.39
C ARG B 94 -7.17 5.80 16.16
N ASN B 95 -7.98 5.54 17.19
CA ASN B 95 -8.55 6.64 17.94
C ASN B 95 -7.50 7.42 18.71
N PHE B 96 -6.52 6.72 19.28
CA PHE B 96 -5.45 7.41 19.96
C PHE B 96 -4.71 8.33 18.99
N LEU B 97 -4.34 7.79 17.83
CA LEU B 97 -3.63 8.61 16.84
C LEU B 97 -4.48 9.77 16.29
N ASP B 98 -5.79 9.57 16.18
CA ASP B 98 -6.69 10.63 15.71
C ASP B 98 -6.71 11.80 16.67
N GLN B 99 -6.22 11.59 17.89
CA GLN B 99 -6.17 12.66 18.89
C GLN B 99 -4.87 13.44 18.85
N THR B 100 -3.97 13.09 17.93
CA THR B 100 -2.66 13.74 17.88
C THR B 100 -2.60 14.93 16.92
N GLY B 101 -3.74 15.56 16.63
CA GLY B 101 -3.77 16.71 15.75
C GLY B 101 -2.97 17.91 16.26
N GLY B 102 -3.04 18.16 17.56
CA GLY B 102 -2.28 19.23 18.17
C GLY B 102 -0.79 18.99 18.04
N LEU B 103 -0.40 17.73 18.26
CA LEU B 103 0.99 17.34 18.16
C LEU B 103 1.48 17.52 16.72
N TRP B 104 0.62 17.15 15.76
CA TRP B 104 0.91 17.32 14.34
C TRP B 104 1.13 18.79 13.98
N MET B 105 0.22 19.64 14.47
CA MET B 105 0.32 21.07 14.21
C MET B 105 1.63 21.66 14.75
N SER B 106 2.12 21.12 15.85
CA SER B 106 3.32 21.65 16.48
C SER B 106 4.58 20.99 15.91
N GLY B 107 4.40 20.08 14.96
CA GLY B 107 5.53 19.37 14.38
C GLY B 107 6.25 18.50 15.40
N GLY B 108 5.50 18.04 16.40
CA GLY B 108 6.07 17.36 17.55
C GLY B 108 6.76 16.02 17.35
N LEU B 109 6.43 15.30 16.28
CA LEU B 109 7.09 14.04 16.00
C LEU B 109 7.99 14.12 14.77
N ILE B 110 8.13 15.30 14.19
CA ILE B 110 9.01 15.44 13.02
C ILE B 110 10.46 15.06 13.36
N GLY B 111 11.02 14.17 12.55
CA GLY B 111 12.39 13.75 12.73
C GLY B 111 12.59 12.64 13.75
N LYS B 112 11.51 12.23 14.42
CA LYS B 112 11.57 11.09 15.34
C LYS B 112 11.52 9.76 14.57
N VAL B 113 12.11 8.72 15.14
CA VAL B 113 12.07 7.40 14.52
C VAL B 113 10.75 6.72 14.83
N GLY B 114 10.11 6.20 13.80
CA GLY B 114 8.84 5.50 13.96
C GLY B 114 8.98 4.08 13.43
N SER B 115 8.33 3.15 14.10
CA SER B 115 8.48 1.75 13.74
C SER B 115 7.23 1.02 14.23
N VAL B 116 6.94 -0.13 13.64
CA VAL B 116 5.66 -0.83 13.86
C VAL B 116 5.81 -2.34 13.98
N PHE B 117 5.00 -2.96 14.86
CA PHE B 117 4.87 -4.42 14.86
C PHE B 117 3.42 -4.82 14.99
N THR B 118 3.08 -6.04 14.54
CA THR B 118 1.69 -6.46 14.48
C THR B 118 1.46 -7.94 14.84
N SER B 119 0.21 -8.36 14.81
CA SER B 119 -0.17 -9.72 15.10
C SER B 119 -1.40 -10.05 14.26
N THR B 120 -1.45 -11.25 13.69
CA THR B 120 -2.60 -11.65 12.88
C THR B 120 -2.99 -13.09 13.17
N ALA B 121 -4.21 -13.44 12.78
CA ALA B 121 -4.69 -14.82 12.93
C ALA B 121 -4.12 -15.77 11.89
N SER B 122 -3.95 -15.28 10.66
CA SER B 122 -3.60 -16.15 9.54
C SER B 122 -2.23 -15.78 8.93
N GLN B 123 -1.60 -16.72 8.22
CA GLN B 123 -0.24 -16.51 7.71
C GLN B 123 -0.06 -15.28 6.83
N HIS B 124 -1.04 -14.94 6.01
CA HIS B 124 -0.91 -13.78 5.13
C HIS B 124 -2.11 -12.85 5.13
N GLY B 125 -2.78 -12.81 6.27
CA GLY B 125 -3.92 -11.93 6.46
C GLY B 125 -3.52 -10.64 7.13
N GLY B 126 -2.79 -9.79 6.40
CA GLY B 126 -2.42 -8.49 6.92
C GLY B 126 -1.14 -8.48 7.75
N GLN B 127 -0.29 -9.49 7.58
CA GLN B 127 1.00 -9.48 8.28
C GLN B 127 1.83 -8.28 7.81
N GLU B 128 1.62 -7.88 6.55
CA GLU B 128 2.43 -6.86 5.92
C GLU B 128 1.62 -5.57 5.74
N THR B 129 0.39 -5.72 5.25
CA THR B 129 -0.45 -4.56 4.92
C THR B 129 -0.84 -3.74 6.14
N THR B 130 -0.97 -4.39 7.30
CA THR B 130 -1.25 -3.64 8.52
C THR B 130 -0.12 -2.68 8.80
N ILE B 131 1.10 -3.14 8.57
CA ILE B 131 2.28 -2.35 8.91
C ILE B 131 2.50 -1.23 7.89
N THR B 132 2.37 -1.54 6.61
CA THR B 132 2.59 -0.50 5.61
C THR B 132 1.51 0.58 5.70
N SER B 133 0.28 0.20 6.02
CA SER B 133 -0.76 1.22 6.18
C SER B 133 -0.48 2.08 7.43
N PHE B 134 0.16 1.49 8.43
CA PHE B 134 0.52 2.23 9.63
C PHE B 134 1.63 3.23 9.27
N HIS B 135 2.57 2.81 8.44
CA HIS B 135 3.66 3.71 8.01
C HIS B 135 3.12 4.99 7.42
N THR B 136 1.98 4.88 6.74
CA THR B 136 1.38 6.06 6.13
C THR B 136 1.21 7.15 7.18
N THR B 137 0.57 6.81 8.29
CA THR B 137 0.34 7.76 9.36
C THR B 137 1.63 8.34 9.92
N LEU B 138 2.61 7.48 10.17
CA LEU B 138 3.88 7.97 10.70
C LEU B 138 4.53 8.99 9.78
N LEU B 139 4.40 8.76 8.47
CA LEU B 139 4.91 9.74 7.52
C LEU B 139 4.19 11.11 7.59
N HIS B 140 2.87 11.12 7.82
CA HIS B 140 2.16 12.38 7.97
C HIS B 140 2.70 13.14 9.16
N HIS B 141 3.19 12.40 10.16
CA HIS B 141 3.77 13.03 11.34
C HIS B 141 5.25 13.39 11.14
N GLY B 142 5.77 13.16 9.94
CA GLY B 142 7.14 13.54 9.64
C GLY B 142 8.18 12.63 10.27
N MET B 143 7.78 11.40 10.58
CA MET B 143 8.70 10.46 11.20
C MET B 143 9.59 9.79 10.17
N VAL B 144 10.75 9.35 10.64
CA VAL B 144 11.66 8.53 9.87
C VAL B 144 11.31 7.07 10.12
N ILE B 145 11.06 6.30 9.07
CA ILE B 145 10.54 4.92 9.23
C ILE B 145 11.63 3.86 9.22
N VAL B 146 11.61 3.00 10.23
CA VAL B 146 12.55 1.90 10.35
C VAL B 146 11.80 0.59 10.45
N GLY B 147 12.21 -0.41 9.66
CA GLY B 147 11.63 -1.74 9.75
C GLY B 147 12.67 -2.71 10.30
N VAL B 148 12.68 -3.94 9.78
CA VAL B 148 13.62 -4.98 10.20
C VAL B 148 14.45 -5.44 9.00
N PRO B 149 15.75 -5.08 8.97
CA PRO B 149 16.59 -5.46 7.84
C PRO B 149 16.83 -6.97 7.80
N TYR B 150 17.16 -7.47 6.62
CA TYR B 150 17.35 -8.89 6.39
C TYR B 150 18.67 -9.40 6.98
N SER B 151 19.38 -8.53 7.67
CA SER B 151 20.54 -8.94 8.45
C SER B 151 20.06 -9.76 9.65
N GLU B 152 18.74 -9.73 9.87
CA GLU B 152 18.12 -10.59 10.89
C GLU B 152 17.71 -11.91 10.24
N PRO B 153 18.42 -13.00 10.59
CA PRO B 153 18.21 -14.28 9.89
C PRO B 153 16.79 -14.82 10.04
N GLY B 154 16.13 -14.41 11.11
CA GLY B 154 14.80 -14.91 11.41
C GLY B 154 13.83 -14.64 10.27
N LEU B 155 14.06 -13.56 9.54
CA LEU B 155 13.14 -13.17 8.47
C LEU B 155 13.05 -14.20 7.35
N THR B 156 14.07 -15.04 7.21
CA THR B 156 14.10 -15.99 6.11
C THR B 156 13.93 -17.44 6.55
N ASN B 157 13.63 -17.64 7.83
CA ASN B 157 13.31 -18.98 8.33
C ASN B 157 12.30 -19.67 7.45
N MET B 158 12.63 -20.90 7.02
CA MET B 158 11.72 -21.69 6.22
C MET B 158 11.54 -23.09 6.81
N THR B 159 11.76 -23.21 8.11
CA THR B 159 11.65 -24.50 8.78
C THR B 159 10.40 -24.59 9.65
N GLU B 160 9.84 -23.44 10.00
CA GLU B 160 8.64 -23.40 10.82
C GLU B 160 7.83 -22.17 10.47
N ILE B 161 6.52 -22.29 10.63
CA ILE B 161 5.62 -21.15 10.45
C ILE B 161 6.13 -20.03 11.34
N SER B 162 6.27 -18.83 10.77
CA SER B 162 6.76 -17.73 11.56
C SER B 162 6.27 -16.37 11.07
N GLY B 163 6.02 -15.48 12.02
CA GLY B 163 5.86 -14.07 11.73
C GLY B 163 7.22 -13.42 11.50
N GLY B 164 7.24 -12.10 11.40
CA GLY B 164 8.47 -11.39 11.07
C GLY B 164 8.47 -10.94 9.61
N THR B 165 8.55 -9.63 9.40
CA THR B 165 8.55 -9.04 8.05
C THR B 165 9.63 -7.96 8.00
N PRO B 166 10.11 -7.63 6.79
CA PRO B 166 11.10 -6.55 6.69
C PRO B 166 10.50 -5.19 7.04
N TYR B 167 9.17 -5.15 7.15
CA TYR B 167 8.48 -3.90 7.44
C TYR B 167 8.34 -3.68 8.93
N GLY B 168 8.53 -4.76 9.69
CA GLY B 168 8.34 -4.74 11.13
C GLY B 168 8.03 -6.14 11.63
N ALA B 169 8.36 -6.41 12.89
CA ALA B 169 8.10 -7.73 13.48
C ALA B 169 6.61 -8.08 13.52
N SER B 170 6.31 -9.37 13.52
CA SER B 170 4.93 -9.81 13.64
C SER B 170 4.85 -11.16 14.32
N THR B 171 3.66 -11.49 14.79
CA THR B 171 3.40 -12.81 15.34
C THR B 171 2.09 -13.35 14.80
N LEU B 172 1.89 -14.66 14.91
CA LEU B 172 0.66 -15.28 14.43
C LEU B 172 -0.07 -15.92 15.60
N ALA B 173 -1.36 -15.61 15.72
CA ALA B 173 -2.16 -16.02 16.87
C ALA B 173 -3.05 -17.22 16.58
N GLY B 174 -3.13 -17.62 15.32
CA GLY B 174 -4.00 -18.71 14.93
C GLY B 174 -5.46 -18.29 14.86
N ALA B 175 -6.29 -19.14 14.28
CA ALA B 175 -7.71 -18.85 14.13
C ALA B 175 -8.40 -18.64 15.48
N ASP B 176 -8.01 -19.42 16.48
CA ASP B 176 -8.65 -19.33 17.78
C ASP B 176 -7.86 -18.45 18.76
N GLY B 177 -6.77 -17.86 18.27
CA GLY B 177 -5.93 -17.02 19.11
C GLY B 177 -5.04 -17.81 20.05
N SER B 178 -5.04 -19.12 19.92
CA SER B 178 -4.35 -19.98 20.88
C SER B 178 -2.83 -20.08 20.67
N ARG B 179 -2.35 -19.77 19.48
CA ARG B 179 -0.91 -19.81 19.24
C ARG B 179 -0.23 -18.65 19.94
N GLN B 180 0.87 -18.92 20.63
CA GLN B 180 1.63 -17.86 21.29
C GLN B 180 2.89 -17.54 20.48
N PRO B 181 3.49 -16.37 20.72
CA PRO B 181 4.68 -15.98 19.96
C PRO B 181 5.81 -17.00 20.09
N SER B 182 6.39 -17.38 18.95
CA SER B 182 7.50 -18.32 18.92
C SER B 182 8.81 -17.64 19.29
N GLU B 183 9.84 -18.42 19.57
CA GLU B 183 11.16 -17.83 19.82
C GLU B 183 11.69 -17.09 18.61
N ASN B 184 11.43 -17.60 17.42
CA ASN B 184 11.87 -16.91 16.21
C ASN B 184 11.23 -15.52 16.14
N GLU B 185 9.91 -15.47 16.36
CA GLU B 185 9.17 -14.19 16.36
C GLU B 185 9.65 -13.19 17.42
N LEU B 186 9.95 -13.69 18.61
CA LEU B 186 10.41 -12.83 19.71
C LEU B 186 11.82 -12.30 19.46
N GLN B 187 12.67 -13.15 18.88
CA GLN B 187 14.03 -12.79 18.51
C GLN B 187 14.03 -11.67 17.48
N ILE B 188 13.10 -11.74 16.53
CA ILE B 188 12.97 -10.71 15.49
C ILE B 188 12.52 -9.41 16.14
N ALA B 189 11.58 -9.49 17.07
CA ALA B 189 11.14 -8.32 17.82
C ALA B 189 12.27 -7.69 18.65
N ARG B 190 13.08 -8.53 19.29
CA ARG B 190 14.22 -8.01 20.04
C ARG B 190 15.17 -7.26 19.11
N PHE B 191 15.44 -7.86 17.95
CA PHE B 191 16.30 -7.20 16.97
C PHE B 191 15.71 -5.85 16.56
N GLN B 192 14.40 -5.85 16.28
CA GLN B 192 13.74 -4.59 15.91
C GLN B 192 13.93 -3.54 16.98
N GLY B 193 13.71 -3.91 18.22
CA GLY B 193 13.84 -2.97 19.32
C GLY B 193 15.25 -2.39 19.38
N LYS B 194 16.25 -3.26 19.23
CA LYS B 194 17.64 -2.82 19.32
C LYS B 194 18.03 -1.98 18.11
N HIS B 195 17.54 -2.37 16.95
CA HIS B 195 17.83 -1.68 15.70
C HIS B 195 17.22 -0.28 15.74
N VAL B 196 15.95 -0.18 16.12
CA VAL B 196 15.31 1.11 16.27
C VAL B 196 16.03 2.00 17.30
N ALA B 197 16.38 1.43 18.44
CA ALA B 197 17.03 2.22 19.49
C ALA B 197 18.39 2.77 19.04
N THR B 198 19.12 1.96 18.28
CA THR B 198 20.43 2.35 17.77
C THR B 198 20.32 3.50 16.79
N ILE B 199 19.38 3.40 15.85
CA ILE B 199 19.15 4.49 14.91
C ILE B 199 18.72 5.76 15.66
N ALA B 200 17.79 5.61 16.59
CA ALA B 200 17.31 6.75 17.35
C ALA B 200 18.43 7.43 18.14
N LYS B 201 19.31 6.61 18.73
CA LYS B 201 20.41 7.13 19.52
C LYS B 201 21.38 7.90 18.64
N ARG B 202 21.73 7.33 17.50
CA ARG B 202 22.61 8.00 16.56
C ARG B 202 22.06 9.37 16.13
N LEU B 203 20.78 9.42 15.82
CA LEU B 203 20.12 10.66 15.44
C LEU B 203 20.03 11.67 16.58
N ALA B 204 19.78 11.18 17.78
CA ALA B 204 19.52 12.07 18.91
C ALA B 204 20.82 12.72 19.40
N ASN B 205 21.89 11.94 19.42
CA ASN B 205 23.19 12.42 19.87
C ASN B 205 23.85 13.40 18.91
N ASN B 206 23.11 13.84 17.89
CA ASN B 206 23.62 14.77 16.88
C ASN B 206 24.63 15.77 17.44
N PRO C 2 -18.21 -18.09 -25.23
CA PRO C 2 -17.62 -18.46 -23.94
C PRO C 2 -17.00 -17.26 -23.25
N THR C 3 -16.92 -17.32 -21.92
CA THR C 3 -16.20 -16.32 -21.15
C THR C 3 -14.71 -16.54 -21.34
N LYS C 4 -13.99 -15.47 -21.66
CA LYS C 4 -12.57 -15.59 -21.95
C LYS C 4 -11.71 -15.20 -20.76
N ILE C 5 -10.83 -16.11 -20.34
CA ILE C 5 -9.93 -15.85 -19.23
C ILE C 5 -8.49 -15.91 -19.72
N GLN C 6 -7.73 -14.86 -19.47
CA GLN C 6 -6.31 -14.90 -19.79
C GLN C 6 -5.48 -14.96 -18.50
N ILE C 7 -4.46 -15.80 -18.51
CA ILE C 7 -3.58 -15.95 -17.36
C ILE C 7 -2.21 -15.54 -17.86
N VAL C 8 -1.79 -14.35 -17.46
CA VAL C 8 -0.62 -13.70 -18.02
C VAL C 8 0.45 -13.71 -16.94
N PHE C 9 1.58 -14.37 -17.20
CA PHE C 9 2.53 -14.61 -16.13
C PHE C 9 3.98 -14.48 -16.58
N TYR C 10 4.85 -14.12 -15.64
CA TYR C 10 6.28 -14.28 -15.83
C TYR C 10 6.78 -15.33 -14.85
N SER C 11 7.63 -16.25 -15.31
CA SER C 11 8.21 -17.22 -14.40
C SER C 11 9.66 -17.47 -14.79
N SER C 12 10.55 -17.42 -13.81
CA SER C 12 11.97 -17.69 -14.05
C SER C 12 12.27 -19.15 -13.78
N TYR C 13 11.93 -19.62 -12.58
CA TYR C 13 12.28 -20.97 -12.16
C TYR C 13 11.12 -21.95 -12.10
N GLY C 14 9.96 -21.52 -12.57
CA GLY C 14 8.82 -22.42 -12.70
C GLY C 14 7.74 -22.34 -11.64
N HIS C 15 8.00 -21.66 -10.52
CA HIS C 15 7.03 -21.60 -9.44
C HIS C 15 5.74 -20.92 -9.88
N ILE C 16 5.87 -19.75 -10.50
CA ILE C 16 4.70 -19.03 -11.01
C ILE C 16 4.01 -19.81 -12.16
N TYR C 17 4.79 -20.50 -12.99
CA TYR C 17 4.22 -21.34 -14.03
C TYR C 17 3.34 -22.45 -13.44
N LYS C 18 3.84 -23.12 -12.41
CA LYS C 18 3.06 -24.18 -11.77
C LYS C 18 1.77 -23.62 -11.17
N MET C 19 1.88 -22.48 -10.51
CA MET C 19 0.69 -21.83 -9.95
C MET C 19 -0.28 -21.45 -11.08
N ALA C 20 0.23 -20.99 -12.22
CA ALA C 20 -0.62 -20.58 -13.35
C ALA C 20 -1.44 -21.74 -13.91
N GLU C 21 -0.83 -22.92 -13.94
CA GLU C 21 -1.54 -24.11 -14.39
C GLU C 21 -2.65 -24.48 -13.43
N ALA C 22 -2.43 -24.27 -12.13
CA ALA C 22 -3.49 -24.53 -11.16
C ALA C 22 -4.61 -23.49 -11.28
N ILE C 23 -4.23 -22.23 -11.47
CA ILE C 23 -5.22 -21.20 -11.72
C ILE C 23 -6.09 -21.62 -12.91
N ALA C 24 -5.43 -22.08 -13.98
CA ALA C 24 -6.10 -22.46 -15.22
C ALA C 24 -7.06 -23.62 -14.98
N ALA C 25 -6.61 -24.61 -14.22
CA ALA C 25 -7.43 -25.77 -13.94
C ALA C 25 -8.71 -25.35 -13.23
N GLY C 26 -8.56 -24.48 -12.24
CA GLY C 26 -9.70 -23.93 -11.53
C GLY C 26 -10.66 -23.15 -12.42
N ALA C 27 -10.11 -22.26 -13.25
CA ALA C 27 -10.94 -21.50 -14.18
C ALA C 27 -11.77 -22.42 -15.07
N ARG C 28 -11.17 -23.52 -15.52
CA ARG C 28 -11.86 -24.45 -16.42
C ARG C 28 -12.96 -25.26 -15.75
N GLU C 29 -13.07 -25.17 -14.43
CA GLU C 29 -14.13 -25.89 -13.71
C GLU C 29 -15.46 -25.16 -13.84
N VAL C 30 -15.43 -24.00 -14.47
CA VAL C 30 -16.63 -23.22 -14.70
C VAL C 30 -17.11 -23.49 -16.12
N GLY C 31 -18.40 -23.70 -16.31
CA GLY C 31 -18.90 -24.04 -17.63
C GLY C 31 -18.62 -22.96 -18.65
N ASP C 32 -18.44 -23.34 -19.91
CA ASP C 32 -18.43 -22.39 -21.03
C ASP C 32 -17.40 -21.28 -20.88
N VAL C 33 -16.19 -21.64 -20.49
CA VAL C 33 -15.11 -20.68 -20.38
C VAL C 33 -13.97 -21.12 -21.26
N GLU C 34 -13.20 -20.16 -21.75
CA GLU C 34 -12.02 -20.44 -22.54
C GLU C 34 -10.81 -19.83 -21.82
N VAL C 35 -9.85 -20.67 -21.46
CA VAL C 35 -8.72 -20.23 -20.65
C VAL C 35 -7.41 -20.31 -21.42
N THR C 36 -6.67 -19.21 -21.46
CA THR C 36 -5.44 -19.15 -22.23
C THR C 36 -4.27 -18.71 -21.36
N LEU C 37 -3.25 -19.55 -21.24
CA LEU C 37 -2.00 -19.14 -20.59
C LEU C 37 -1.15 -18.36 -21.58
N LEU C 38 -0.64 -17.22 -21.13
CA LEU C 38 0.25 -16.40 -21.94
C LEU C 38 1.46 -16.00 -21.11
N GLN C 39 2.65 -16.17 -21.67
CA GLN C 39 3.84 -15.85 -20.91
C GLN C 39 4.41 -14.48 -21.31
N VAL C 40 4.87 -13.76 -20.30
CA VAL C 40 5.43 -12.43 -20.51
C VAL C 40 6.87 -12.55 -21.00
N PRO C 41 7.20 -11.81 -22.08
CA PRO C 41 8.54 -11.85 -22.70
C PRO C 41 9.63 -11.42 -21.74
N GLU C 42 10.80 -12.02 -21.91
CA GLU C 42 11.99 -11.65 -21.18
C GLU C 42 12.48 -10.30 -21.67
N LEU C 43 13.27 -9.61 -20.86
CA LEU C 43 13.91 -8.37 -21.28
C LEU C 43 15.34 -8.65 -21.76
N GLY C 56 16.44 -22.67 -19.48
CA GLY C 56 16.25 -24.07 -19.11
C GLY C 56 14.89 -24.31 -18.46
N TYR C 57 14.63 -23.59 -17.38
CA TYR C 57 13.34 -23.70 -16.69
C TYR C 57 12.21 -23.09 -17.50
N ARG C 58 12.52 -22.03 -18.25
CA ARG C 58 11.54 -21.37 -19.10
C ARG C 58 11.25 -22.17 -20.38
N ALA C 59 12.18 -23.03 -20.76
CA ALA C 59 12.01 -23.90 -21.91
C ALA C 59 11.01 -25.01 -21.60
N ALA C 60 10.81 -25.29 -20.32
CA ALA C 60 9.88 -26.33 -19.86
C ALA C 60 8.43 -25.89 -20.06
N PHE C 61 8.24 -24.64 -20.43
CA PHE C 61 6.92 -24.13 -20.80
C PHE C 61 7.02 -23.23 -22.03
N GLY C 62 8.00 -23.50 -22.89
CA GLY C 62 8.28 -22.68 -24.05
C GLY C 62 7.26 -22.77 -25.18
N SER C 63 6.28 -23.65 -25.01
CA SER C 63 5.20 -23.80 -26.00
C SER C 63 3.99 -22.93 -25.65
N ILE C 64 4.08 -22.23 -24.52
CA ILE C 64 3.08 -21.25 -24.14
C ILE C 64 3.30 -19.98 -24.96
N PRO C 65 2.25 -19.49 -25.63
CA PRO C 65 2.45 -18.29 -26.48
C PRO C 65 2.84 -17.07 -25.65
N TYR C 66 3.50 -16.10 -26.27
CA TYR C 66 3.81 -14.84 -25.59
C TYR C 66 2.59 -13.94 -25.52
N ALA C 67 2.41 -13.31 -24.37
CA ALA C 67 1.39 -12.29 -24.23
C ALA C 67 1.80 -11.05 -25.02
N THR C 68 0.83 -10.37 -25.60
CA THR C 68 1.06 -9.06 -26.16
C THR C 68 0.07 -8.09 -25.53
N PRO C 69 0.46 -6.81 -25.40
CA PRO C 69 -0.43 -5.84 -24.76
C PRO C 69 -1.78 -5.74 -25.48
N GLU C 70 -1.78 -5.80 -26.81
CA GLU C 70 -3.03 -5.68 -27.56
C GLU C 70 -4.05 -6.79 -27.27
N VAL C 71 -3.56 -8.01 -27.08
CA VAL C 71 -4.46 -9.16 -26.94
C VAL C 71 -5.27 -9.14 -25.64
N LEU C 72 -4.79 -8.39 -24.66
CA LEU C 72 -5.49 -8.26 -23.38
C LEU C 72 -6.93 -7.79 -23.56
N ALA C 73 -7.19 -7.00 -24.60
CA ALA C 73 -8.52 -6.44 -24.81
C ALA C 73 -9.57 -7.52 -25.08
N GLU C 74 -9.11 -8.70 -25.47
CA GLU C 74 -10.01 -9.81 -25.81
C GLU C 74 -10.56 -10.55 -24.60
N ALA C 75 -9.91 -10.41 -23.44
CA ALA C 75 -10.31 -11.14 -22.24
C ALA C 75 -11.51 -10.54 -21.53
N ASP C 76 -12.25 -11.40 -20.83
CA ASP C 76 -13.24 -10.94 -19.87
C ASP C 76 -12.59 -10.81 -18.49
N ALA C 77 -11.57 -11.61 -18.27
CA ALA C 77 -10.82 -11.59 -17.02
C ALA C 77 -9.35 -11.82 -17.33
N ILE C 78 -8.49 -11.10 -16.62
CA ILE C 78 -7.06 -11.36 -16.74
C ILE C 78 -6.50 -11.62 -15.35
N ILE C 79 -5.83 -12.77 -15.21
CA ILE C 79 -5.20 -13.14 -13.95
C ILE C 79 -3.69 -13.11 -14.13
N PHE C 80 -3.03 -12.22 -13.38
CA PHE C 80 -1.62 -11.93 -13.57
C PHE C 80 -0.76 -12.64 -12.56
N GLY C 81 0.30 -13.31 -13.01
CA GLY C 81 1.22 -13.97 -12.10
C GLY C 81 2.62 -13.38 -12.19
N THR C 82 3.18 -13.03 -11.04
CA THR C 82 4.55 -12.50 -11.01
C THR C 82 5.29 -12.94 -9.76
N PRO C 83 6.59 -13.25 -9.92
CA PRO C 83 7.34 -13.43 -8.68
C PRO C 83 7.59 -12.05 -8.07
N THR C 84 7.78 -11.97 -6.76
CA THR C 84 8.09 -10.66 -6.16
C THR C 84 9.51 -10.25 -6.52
N ARG C 85 9.71 -8.94 -6.56
CA ARG C 85 11.04 -8.34 -6.56
C ARG C 85 10.95 -7.24 -5.50
N PHE C 86 11.38 -7.57 -4.29
CA PHE C 86 11.36 -6.61 -3.19
C PHE C 86 9.99 -5.96 -2.99
N GLY C 87 8.93 -6.78 -3.02
CA GLY C 87 7.61 -6.27 -2.69
C GLY C 87 6.86 -5.58 -3.82
N ASN C 88 7.41 -5.64 -5.04
CA ASN C 88 6.70 -5.15 -6.24
C ASN C 88 6.66 -6.28 -7.27
N MET C 89 5.88 -6.11 -8.33
CA MET C 89 5.95 -7.03 -9.46
C MET C 89 7.33 -6.97 -10.11
N CYS C 90 7.71 -8.01 -10.85
CA CYS C 90 9.01 -8.04 -11.49
C CYS C 90 9.08 -7.10 -12.68
N SER C 91 10.29 -6.71 -13.07
CA SER C 91 10.47 -5.76 -14.16
C SER C 91 9.95 -6.31 -15.49
N GLN C 92 10.00 -7.63 -15.69
CA GLN C 92 9.46 -8.18 -16.93
C GLN C 92 7.95 -7.90 -17.04
N MET C 93 7.25 -8.09 -15.93
CA MET C 93 5.82 -7.76 -15.88
C MET C 93 5.59 -6.24 -15.95
N ARG C 94 6.42 -5.49 -15.24
CA ARG C 94 6.29 -4.04 -15.23
C ARG C 94 6.45 -3.49 -16.66
N ASN C 95 7.39 -4.05 -17.41
CA ASN C 95 7.61 -3.57 -18.78
C ASN C 95 6.45 -3.93 -19.69
N PHE C 96 5.87 -5.10 -19.46
CA PHE C 96 4.72 -5.51 -20.22
C PHE C 96 3.56 -4.54 -19.98
N LEU C 97 3.29 -4.27 -18.71
CA LEU C 97 2.18 -3.39 -18.35
C LEU C 97 2.45 -1.95 -18.76
N ASP C 98 3.72 -1.56 -18.77
CA ASP C 98 4.06 -0.20 -19.22
C ASP C 98 3.74 -0.02 -20.70
N GLN C 99 3.56 -1.11 -21.41
CA GLN C 99 3.20 -1.04 -22.82
C GLN C 99 1.68 -0.97 -23.08
N THR C 100 0.88 -0.87 -22.01
CA THR C 100 -0.57 -0.86 -22.15
C THR C 100 -1.17 0.55 -22.16
N GLY C 101 -0.34 1.54 -22.45
CA GLY C 101 -0.81 2.92 -22.49
C GLY C 101 -1.90 3.16 -23.51
N GLY C 102 -1.77 2.56 -24.69
CA GLY C 102 -2.78 2.73 -25.73
C GLY C 102 -4.10 2.12 -25.32
N LEU C 103 -4.00 0.97 -24.65
CA LEU C 103 -5.15 0.29 -24.11
C LEU C 103 -5.80 1.13 -23.02
N TRP C 104 -4.99 1.78 -22.18
CA TRP C 104 -5.51 2.64 -21.13
C TRP C 104 -6.28 3.82 -21.75
N MET C 105 -5.69 4.40 -22.78
CA MET C 105 -6.25 5.57 -23.45
C MET C 105 -7.67 5.31 -23.94
N SER C 106 -7.88 4.14 -24.52
CA SER C 106 -9.17 3.80 -25.11
C SER C 106 -10.09 3.11 -24.12
N GLY C 107 -9.63 2.92 -22.90
CA GLY C 107 -10.47 2.30 -21.88
C GLY C 107 -10.69 0.82 -22.12
N GLY C 108 -9.68 0.17 -22.72
CA GLY C 108 -9.75 -1.21 -23.17
C GLY C 108 -9.94 -2.29 -22.12
N LEU C 109 -9.55 -2.03 -20.88
CA LEU C 109 -9.72 -3.01 -19.80
C LEU C 109 -10.77 -2.59 -18.78
N ILE C 110 -11.47 -1.48 -19.04
CA ILE C 110 -12.45 -1.00 -18.06
C ILE C 110 -13.56 -2.03 -17.89
N GLY C 111 -13.82 -2.37 -16.63
CA GLY C 111 -14.86 -3.32 -16.27
C GLY C 111 -14.51 -4.80 -16.39
N LYS C 112 -13.31 -5.11 -16.87
CA LYS C 112 -12.85 -6.49 -16.93
C LYS C 112 -12.39 -6.90 -15.53
N VAL C 113 -12.50 -8.18 -15.22
CA VAL C 113 -12.06 -8.68 -13.92
C VAL C 113 -10.55 -8.82 -13.90
N GLY C 114 -9.91 -8.27 -12.86
CA GLY C 114 -8.46 -8.43 -12.71
C GLY C 114 -8.13 -9.13 -11.42
N SER C 115 -7.10 -9.97 -11.45
CA SER C 115 -6.73 -10.72 -10.25
C SER C 115 -5.23 -11.01 -10.32
N VAL C 116 -4.59 -11.30 -9.18
CA VAL C 116 -3.14 -11.44 -9.14
C VAL C 116 -2.71 -12.63 -8.29
N PHE C 117 -1.61 -13.30 -8.67
CA PHE C 117 -0.97 -14.27 -7.79
C PHE C 117 0.55 -14.09 -7.81
N THR C 118 1.25 -14.51 -6.75
CA THR C 118 2.67 -14.21 -6.65
C THR C 118 3.47 -15.36 -6.05
N SER C 119 4.78 -15.14 -5.94
CA SER C 119 5.71 -16.10 -5.34
C SER C 119 6.81 -15.30 -4.66
N THR C 120 7.26 -15.73 -3.49
CA THR C 120 8.32 -15.05 -2.79
C THR C 120 9.31 -16.04 -2.20
N ALA C 121 10.46 -15.55 -1.78
CA ALA C 121 11.48 -16.41 -1.17
C ALA C 121 11.17 -16.66 0.29
N SER C 122 10.67 -15.64 0.98
CA SER C 122 10.50 -15.71 2.43
C SER C 122 9.03 -15.57 2.84
N GLN C 123 8.74 -15.91 4.09
CA GLN C 123 7.35 -15.97 4.53
C GLN C 123 6.58 -14.65 4.48
N HIS C 124 7.27 -13.52 4.71
CA HIS C 124 6.56 -12.24 4.69
C HIS C 124 7.32 -11.16 3.95
N GLY C 125 8.14 -11.60 3.00
CA GLY C 125 8.87 -10.70 2.13
C GLY C 125 8.06 -10.38 0.88
N GLY C 126 6.97 -9.63 1.05
CA GLY C 126 6.18 -9.24 -0.10
C GLY C 126 5.12 -10.23 -0.57
N GLN C 127 4.70 -11.12 0.31
CA GLN C 127 3.60 -12.00 -0.05
C GLN C 127 2.33 -11.18 -0.31
N GLU C 128 2.22 -10.05 0.39
CA GLU C 128 0.99 -9.25 0.33
C GLU C 128 1.23 -7.96 -0.45
N THR C 129 2.32 -7.27 -0.15
CA THR C 129 2.58 -5.97 -0.78
C THR C 129 2.77 -6.08 -2.30
N THR C 130 3.33 -7.19 -2.76
CA THR C 130 3.47 -7.39 -4.20
C THR C 130 2.09 -7.36 -4.85
N ILE C 131 1.12 -7.96 -4.19
CA ILE C 131 -0.22 -8.06 -4.75
C ILE C 131 -0.95 -6.73 -4.63
N THR C 132 -0.87 -6.09 -3.48
CA THR C 132 -1.60 -4.82 -3.35
C THR C 132 -1.05 -3.72 -4.26
N SER C 133 0.27 -3.69 -4.48
CA SER C 133 0.82 -2.71 -5.41
C SER C 133 0.39 -3.05 -6.84
N PHE C 134 0.18 -4.32 -7.13
CA PHE C 134 -0.26 -4.73 -8.46
C PHE C 134 -1.69 -4.22 -8.64
N HIS C 135 -2.51 -4.38 -7.60
CA HIS C 135 -3.90 -3.90 -7.65
C HIS C 135 -4.00 -2.43 -8.02
N THR C 136 -3.03 -1.62 -7.59
CA THR C 136 -3.01 -0.20 -7.96
C THR C 136 -3.08 -0.05 -9.48
N THR C 137 -2.21 -0.77 -10.16
CA THR C 137 -2.16 -0.68 -11.62
C THR C 137 -3.46 -1.16 -12.27
N LEU C 138 -4.05 -2.22 -11.72
CA LEU C 138 -5.30 -2.74 -12.25
C LEU C 138 -6.41 -1.70 -12.11
N LEU C 139 -6.38 -0.97 -11.00
CA LEU C 139 -7.40 0.08 -10.80
C LEU C 139 -7.23 1.26 -11.77
N HIS C 140 -5.99 1.60 -12.15
CA HIS C 140 -5.83 2.66 -13.16
C HIS C 140 -6.45 2.25 -14.48
N HIS C 141 -6.51 0.94 -14.71
CA HIS C 141 -7.11 0.40 -15.92
C HIS C 141 -8.63 0.20 -15.79
N GLY C 142 -9.17 0.54 -14.63
CA GLY C 142 -10.60 0.49 -14.42
C GLY C 142 -11.14 -0.91 -14.24
N MET C 143 -10.27 -1.84 -13.83
CA MET C 143 -10.67 -3.24 -13.65
C MET C 143 -11.38 -3.45 -12.32
N VAL C 144 -12.17 -4.53 -12.25
CA VAL C 144 -12.85 -4.95 -11.03
C VAL C 144 -11.92 -5.94 -10.36
N ILE C 145 -11.47 -5.65 -9.14
CA ILE C 145 -10.43 -6.46 -8.47
C ILE C 145 -11.00 -7.61 -7.66
N VAL C 146 -10.49 -8.82 -7.91
CA VAL C 146 -10.96 -10.01 -7.21
C VAL C 146 -9.76 -10.69 -6.55
N GLY C 147 -9.90 -10.98 -5.26
CA GLY C 147 -8.86 -11.73 -4.55
C GLY C 147 -9.36 -13.12 -4.19
N VAL C 148 -8.98 -13.61 -3.02
CA VAL C 148 -9.41 -14.94 -2.58
C VAL C 148 -10.14 -14.84 -1.23
N PRO C 149 -11.45 -15.12 -1.23
CA PRO C 149 -12.23 -15.00 0.01
C PRO C 149 -11.87 -16.05 1.04
N TYR C 150 -12.18 -15.78 2.30
CA TYR C 150 -11.82 -16.70 3.39
C TYR C 150 -12.72 -17.93 3.44
N SER C 151 -13.64 -18.04 2.48
CA SER C 151 -14.38 -19.28 2.28
C SER C 151 -13.43 -20.40 1.82
N GLU C 152 -12.23 -20.02 1.39
CA GLU C 152 -11.19 -21.00 1.05
C GLU C 152 -10.43 -21.35 2.33
N PRO C 153 -10.54 -22.60 2.80
CA PRO C 153 -9.95 -22.99 4.08
C PRO C 153 -8.42 -22.87 4.09
N GLY C 154 -7.80 -23.02 2.92
CA GLY C 154 -6.35 -22.98 2.85
C GLY C 154 -5.77 -21.69 3.42
N LEU C 155 -6.54 -20.61 3.36
CA LEU C 155 -6.04 -19.32 3.80
C LEU C 155 -5.73 -19.29 5.30
N THR C 156 -6.40 -20.14 6.07
CA THR C 156 -6.21 -20.14 7.52
C THR C 156 -5.43 -21.35 8.03
N ASN C 157 -4.80 -22.08 7.11
CA ASN C 157 -3.94 -23.20 7.48
C ASN C 157 -2.85 -22.75 8.46
N MET C 158 -2.75 -23.45 9.59
CA MET C 158 -1.74 -23.16 10.60
C MET C 158 -0.97 -24.41 11.00
N THR C 159 -0.90 -25.37 10.09
CA THR C 159 -0.20 -26.62 10.37
C THR C 159 1.04 -26.79 9.49
N GLU C 160 1.17 -25.97 8.45
CA GLU C 160 2.37 -25.98 7.63
C GLU C 160 2.63 -24.61 7.02
N ILE C 161 3.90 -24.29 6.77
CA ILE C 161 4.26 -23.05 6.09
C ILE C 161 3.52 -23.02 4.76
N SER C 162 2.76 -21.95 4.52
CA SER C 162 1.96 -21.90 3.32
C SER C 162 1.83 -20.48 2.77
N GLY C 163 1.78 -20.38 1.45
CA GLY C 163 1.40 -19.15 0.78
C GLY C 163 -0.11 -19.10 0.78
N GLY C 164 -0.67 -18.13 0.07
CA GLY C 164 -2.11 -17.95 0.04
C GLY C 164 -2.52 -16.73 0.83
N THR C 165 -3.08 -15.73 0.16
CA THR C 165 -3.47 -14.50 0.84
C THR C 165 -4.87 -14.13 0.42
N PRO C 166 -5.59 -13.34 1.23
CA PRO C 166 -6.91 -12.90 0.79
C PRO C 166 -6.86 -11.97 -0.44
N TYR C 167 -5.67 -11.46 -0.75
CA TYR C 167 -5.49 -10.54 -1.86
C TYR C 167 -5.24 -11.32 -3.15
N GLY C 168 -4.90 -12.60 -3.02
CA GLY C 168 -4.58 -13.41 -4.17
C GLY C 168 -3.67 -14.56 -3.76
N ALA C 169 -3.68 -15.62 -4.55
CA ALA C 169 -2.87 -16.80 -4.24
C ALA C 169 -1.38 -16.50 -4.24
N SER C 170 -0.61 -17.31 -3.52
CA SER C 170 0.84 -17.17 -3.57
C SER C 170 1.52 -18.48 -3.20
N THR C 171 2.79 -18.57 -3.54
CA THR C 171 3.62 -19.70 -3.13
C THR C 171 4.95 -19.19 -2.60
N LEU C 172 5.71 -20.10 -2.00
CA LEU C 172 7.01 -19.76 -1.44
C LEU C 172 8.07 -20.64 -2.10
N ALA C 173 9.14 -20.00 -2.57
CA ALA C 173 10.16 -20.70 -3.32
C ALA C 173 11.37 -21.04 -2.45
N GLY C 174 11.45 -20.42 -1.27
CA GLY C 174 12.61 -20.60 -0.41
C GLY C 174 13.78 -19.75 -0.87
N ALA C 175 14.82 -19.66 -0.03
CA ALA C 175 15.98 -18.83 -0.32
C ALA C 175 16.70 -19.21 -1.61
N ASP C 176 16.77 -20.51 -1.88
CA ASP C 176 17.49 -21.01 -3.05
C ASP C 176 16.56 -21.30 -4.22
N GLY C 177 15.26 -21.11 -4.01
CA GLY C 177 14.29 -21.37 -5.03
C GLY C 177 13.98 -22.85 -5.22
N SER C 178 14.37 -23.66 -4.24
CA SER C 178 14.23 -25.12 -4.35
C SER C 178 12.87 -25.64 -3.88
N ARG C 179 12.14 -24.84 -3.12
CA ARG C 179 10.83 -25.26 -2.63
C ARG C 179 9.82 -25.29 -3.77
N GLN C 180 9.04 -26.36 -3.88
CA GLN C 180 7.99 -26.42 -4.89
C GLN C 180 6.63 -26.08 -4.29
N PRO C 181 5.70 -25.57 -5.12
CA PRO C 181 4.40 -25.19 -4.55
C PRO C 181 3.75 -26.37 -3.85
N SER C 182 3.22 -26.12 -2.66
CA SER C 182 2.56 -27.16 -1.87
C SER C 182 1.16 -27.45 -2.38
N GLU C 183 0.61 -28.58 -1.99
CA GLU C 183 -0.77 -28.89 -2.33
C GLU C 183 -1.70 -27.79 -1.85
N ASN C 184 -1.48 -27.28 -0.63
CA ASN C 184 -2.35 -26.24 -0.09
C ASN C 184 -2.32 -24.99 -0.98
N GLU C 185 -1.11 -24.60 -1.39
CA GLU C 185 -0.95 -23.40 -2.22
C GLU C 185 -1.63 -23.57 -3.58
N LEU C 186 -1.50 -24.76 -4.15
CA LEU C 186 -2.10 -25.04 -5.45
C LEU C 186 -3.63 -25.11 -5.37
N GLN C 187 -4.15 -25.65 -4.27
CA GLN C 187 -5.60 -25.68 -4.08
C GLN C 187 -6.17 -24.26 -3.95
N ILE C 188 -5.46 -23.39 -3.24
CA ILE C 188 -5.86 -21.99 -3.12
C ILE C 188 -5.90 -21.34 -4.51
N ALA C 189 -4.87 -21.63 -5.32
CA ALA C 189 -4.79 -21.14 -6.69
C ALA C 189 -5.93 -21.66 -7.57
N ARG C 190 -6.27 -22.94 -7.42
CA ARG C 190 -7.39 -23.49 -8.18
C ARG C 190 -8.66 -22.75 -7.79
N PHE C 191 -8.86 -22.54 -6.50
CA PHE C 191 -10.02 -21.80 -6.03
C PHE C 191 -10.07 -20.40 -6.64
N GLN C 192 -8.93 -19.70 -6.67
CA GLN C 192 -8.91 -18.34 -7.21
C GLN C 192 -9.32 -18.35 -8.67
N GLY C 193 -8.83 -19.33 -9.42
CA GLY C 193 -9.15 -19.44 -10.82
C GLY C 193 -10.65 -19.65 -11.03
N LYS C 194 -11.24 -20.52 -10.22
CA LYS C 194 -12.67 -20.79 -10.36
C LYS C 194 -13.48 -19.57 -9.93
N HIS C 195 -13.04 -18.93 -8.85
CA HIS C 195 -13.73 -17.78 -8.30
C HIS C 195 -13.71 -16.64 -9.32
N VAL C 196 -12.53 -16.34 -9.84
CA VAL C 196 -12.42 -15.28 -10.84
C VAL C 196 -13.27 -15.57 -12.07
N ALA C 197 -13.21 -16.81 -12.56
CA ALA C 197 -13.95 -17.17 -13.77
C ALA C 197 -15.45 -17.08 -13.56
N THR C 198 -15.90 -17.39 -12.34
CA THR C 198 -17.32 -17.32 -12.01
C THR C 198 -17.78 -15.88 -12.04
N ILE C 199 -16.99 -15.00 -11.42
CA ILE C 199 -17.35 -13.60 -11.37
C ILE C 199 -17.34 -13.01 -12.77
N ALA C 200 -16.31 -13.35 -13.55
CA ALA C 200 -16.21 -12.86 -14.92
C ALA C 200 -17.37 -13.33 -15.79
N LYS C 201 -17.76 -14.59 -15.62
CA LYS C 201 -18.87 -15.15 -16.40
C LYS C 201 -20.16 -14.43 -16.08
N ARG C 202 -20.36 -14.11 -14.81
CA ARG C 202 -21.54 -13.37 -14.42
C ARG C 202 -21.53 -11.97 -15.02
N LEU C 203 -20.35 -11.34 -15.08
CA LEU C 203 -20.24 -10.06 -15.76
C LEU C 203 -20.40 -10.15 -17.29
N ALA C 204 -19.71 -11.11 -17.91
CA ALA C 204 -19.76 -11.23 -19.36
C ALA C 204 -21.17 -11.54 -19.90
N ASN C 205 -21.98 -12.21 -19.10
CA ASN C 205 -23.33 -12.59 -19.53
C ASN C 205 -24.36 -11.49 -19.28
N ASN C 206 -23.94 -10.43 -18.61
CA ASN C 206 -24.81 -9.30 -18.32
C ASN C 206 -24.19 -7.96 -18.71
N MET D 1 -35.32 -6.59 -8.67
CA MET D 1 -34.73 -7.32 -7.56
C MET D 1 -35.22 -6.81 -6.20
N PRO D 2 -34.88 -5.56 -5.82
CA PRO D 2 -33.99 -4.60 -6.49
C PRO D 2 -32.56 -4.88 -6.06
N THR D 3 -31.59 -4.31 -6.78
CA THR D 3 -30.19 -4.42 -6.36
C THR D 3 -30.00 -3.46 -5.20
N LYS D 4 -29.44 -3.95 -4.10
CA LYS D 4 -29.32 -3.16 -2.88
C LYS D 4 -27.95 -2.53 -2.71
N ILE D 5 -27.91 -1.21 -2.70
CA ILE D 5 -26.66 -0.45 -2.57
C ILE D 5 -26.68 0.26 -1.23
N GLN D 6 -25.70 -0.02 -0.38
CA GLN D 6 -25.63 0.69 0.89
C GLN D 6 -24.46 1.65 0.84
N ILE D 7 -24.67 2.83 1.41
CA ILE D 7 -23.64 3.87 1.47
C ILE D 7 -23.42 4.13 2.94
N VAL D 8 -22.30 3.63 3.44
CA VAL D 8 -21.98 3.68 4.86
C VAL D 8 -20.88 4.71 5.05
N PHE D 9 -21.15 5.72 5.88
CA PHE D 9 -20.23 6.85 5.94
C PHE D 9 -20.10 7.47 7.33
N TYR D 10 -18.97 8.11 7.55
CA TYR D 10 -18.81 9.01 8.69
C TYR D 10 -18.44 10.40 8.17
N SER D 11 -19.10 11.43 8.69
CA SER D 11 -18.81 12.80 8.30
C SER D 11 -18.61 13.67 9.53
N SER D 12 -17.50 14.41 9.58
CA SER D 12 -17.23 15.33 10.69
C SER D 12 -17.84 16.70 10.44
N TYR D 13 -17.52 17.26 9.28
CA TYR D 13 -17.90 18.63 8.95
C TYR D 13 -18.65 18.73 7.64
N GLY D 14 -19.18 17.60 7.17
CA GLY D 14 -20.05 17.60 6.01
C GLY D 14 -19.47 17.26 4.65
N HIS D 15 -18.16 17.14 4.55
CA HIS D 15 -17.55 16.85 3.24
C HIS D 15 -17.94 15.46 2.75
N ILE D 16 -17.82 14.49 3.64
CA ILE D 16 -18.21 13.12 3.29
C ILE D 16 -19.73 13.02 3.11
N TYR D 17 -20.47 13.78 3.91
CA TYR D 17 -21.93 13.74 3.78
C TYR D 17 -22.35 14.19 2.40
N LYS D 18 -21.83 15.33 1.96
CA LYS D 18 -22.17 15.86 0.64
C LYS D 18 -21.73 14.90 -0.45
N MET D 19 -20.52 14.34 -0.31
CA MET D 19 -20.06 13.34 -1.27
C MET D 19 -20.99 12.11 -1.28
N ALA D 20 -21.49 11.74 -0.11
CA ALA D 20 -22.39 10.58 -0.02
C ALA D 20 -23.72 10.83 -0.75
N GLU D 21 -24.20 12.07 -0.71
CA GLU D 21 -25.39 12.45 -1.48
C GLU D 21 -25.14 12.27 -2.97
N ALA D 22 -23.94 12.61 -3.40
CA ALA D 22 -23.55 12.47 -4.80
C ALA D 22 -23.43 11.00 -5.21
N ILE D 23 -22.79 10.19 -4.37
CA ILE D 23 -22.69 8.76 -4.64
C ILE D 23 -24.10 8.19 -4.78
N ALA D 24 -24.97 8.62 -3.87
CA ALA D 24 -26.35 8.13 -3.85
C ALA D 24 -27.07 8.53 -5.14
N ALA D 25 -26.94 9.80 -5.52
CA ALA D 25 -27.56 10.30 -6.74
C ALA D 25 -27.15 9.48 -7.96
N GLY D 26 -25.86 9.13 -8.04
CA GLY D 26 -25.36 8.33 -9.15
C GLY D 26 -25.95 6.93 -9.18
N ALA D 27 -25.96 6.27 -8.04
CA ALA D 27 -26.49 4.92 -7.94
C ALA D 27 -27.97 4.92 -8.35
N ARG D 28 -28.67 5.98 -7.97
CA ARG D 28 -30.10 6.10 -8.26
C ARG D 28 -30.39 6.37 -9.72
N GLU D 29 -29.34 6.53 -10.53
CA GLU D 29 -29.53 6.70 -11.98
C GLU D 29 -29.79 5.37 -12.67
N VAL D 30 -29.46 4.29 -11.96
CA VAL D 30 -29.63 2.95 -12.48
C VAL D 30 -30.98 2.39 -12.01
N GLY D 31 -31.73 1.80 -12.92
CA GLY D 31 -33.03 1.27 -12.55
C GLY D 31 -32.98 0.07 -11.62
N ASP D 32 -34.07 -0.12 -10.90
CA ASP D 32 -34.23 -1.32 -10.07
C ASP D 32 -33.13 -1.43 -9.01
N VAL D 33 -32.75 -0.30 -8.44
CA VAL D 33 -31.83 -0.30 -7.32
C VAL D 33 -32.50 0.32 -6.12
N GLU D 34 -32.08 -0.13 -4.95
CA GLU D 34 -32.55 0.45 -3.70
C GLU D 34 -31.32 0.97 -2.97
N VAL D 35 -31.25 2.29 -2.81
CA VAL D 35 -30.10 2.93 -2.15
C VAL D 35 -30.41 3.25 -0.69
N THR D 36 -29.55 2.78 0.22
CA THR D 36 -29.74 3.01 1.64
C THR D 36 -28.53 3.71 2.23
N LEU D 37 -28.73 4.92 2.76
CA LEU D 37 -27.69 5.64 3.48
C LEU D 37 -27.61 5.14 4.93
N LEU D 38 -26.41 4.89 5.42
CA LEU D 38 -26.21 4.44 6.80
C LEU D 38 -25.06 5.23 7.37
N GLN D 39 -25.25 5.77 8.58
CA GLN D 39 -24.19 6.57 9.17
C GLN D 39 -23.48 5.79 10.26
N VAL D 40 -22.20 6.07 10.40
CA VAL D 40 -21.36 5.47 11.42
C VAL D 40 -21.44 6.26 12.72
N PRO D 41 -21.69 5.58 13.84
CA PRO D 41 -21.84 6.22 15.15
C PRO D 41 -20.55 6.90 15.61
N GLU D 42 -20.68 7.94 16.42
CA GLU D 42 -19.54 8.51 17.13
C GLU D 42 -19.10 7.51 18.19
N LEU D 43 -17.90 7.71 18.75
CA LEU D 43 -17.42 6.83 19.80
C LEU D 43 -17.88 7.30 21.19
N PHE D 61 -32.29 12.50 15.42
CA PHE D 61 -32.63 13.37 14.29
C PHE D 61 -32.38 12.65 12.97
N GLY D 62 -33.30 12.84 12.02
CA GLY D 62 -33.15 12.26 10.70
C GLY D 62 -33.66 10.84 10.66
N SER D 63 -33.57 10.22 9.48
CA SER D 63 -33.98 8.84 9.29
C SER D 63 -32.88 8.09 8.56
N ILE D 64 -31.65 8.57 8.68
CA ILE D 64 -30.49 7.82 8.21
C ILE D 64 -30.09 6.95 9.39
N PRO D 65 -30.42 5.65 9.31
CA PRO D 65 -30.13 4.77 10.44
C PRO D 65 -28.63 4.64 10.68
N TYR D 66 -28.28 4.24 11.89
CA TYR D 66 -26.91 3.86 12.19
C TYR D 66 -26.60 2.51 11.56
N ALA D 67 -25.48 2.44 10.84
CA ALA D 67 -25.00 1.18 10.32
C ALA D 67 -24.88 0.17 11.45
N THR D 68 -25.22 -1.07 11.17
CA THR D 68 -24.93 -2.18 12.08
C THR D 68 -24.28 -3.25 11.22
N PRO D 69 -23.43 -4.07 11.83
CA PRO D 69 -22.79 -5.17 11.08
C PRO D 69 -23.85 -6.09 10.47
N GLU D 70 -24.96 -6.28 11.18
CA GLU D 70 -26.00 -7.18 10.71
C GLU D 70 -26.60 -6.72 9.38
N VAL D 71 -26.88 -5.43 9.26
CA VAL D 71 -27.55 -4.92 8.07
C VAL D 71 -26.67 -4.98 6.82
N LEU D 72 -25.36 -4.92 6.99
CA LEU D 72 -24.45 -4.94 5.84
C LEU D 72 -24.64 -6.22 5.02
N ALA D 73 -25.06 -7.29 5.69
CA ALA D 73 -25.22 -8.57 5.03
C ALA D 73 -26.29 -8.50 3.95
N GLU D 74 -27.19 -7.53 4.05
CA GLU D 74 -28.32 -7.46 3.13
C GLU D 74 -27.96 -6.82 1.79
N ALA D 75 -26.80 -6.17 1.73
CA ALA D 75 -26.38 -5.42 0.54
C ALA D 75 -25.91 -6.29 -0.62
N ASP D 76 -25.98 -5.73 -1.82
CA ASP D 76 -25.28 -6.29 -2.98
C ASP D 76 -23.97 -5.52 -3.20
N ALA D 77 -23.98 -4.26 -2.76
CA ALA D 77 -22.79 -3.43 -2.83
C ALA D 77 -22.76 -2.50 -1.63
N ILE D 78 -21.57 -2.21 -1.13
CA ILE D 78 -21.43 -1.23 -0.05
C ILE D 78 -20.34 -0.25 -0.46
N ILE D 79 -20.68 1.02 -0.42
CA ILE D 79 -19.76 2.10 -0.77
C ILE D 79 -19.50 2.84 0.54
N PHE D 80 -18.24 2.86 0.94
CA PHE D 80 -17.88 3.43 2.23
C PHE D 80 -17.23 4.80 2.06
N GLY D 81 -17.60 5.73 2.93
CA GLY D 81 -16.99 7.05 2.90
C GLY D 81 -16.42 7.43 4.25
N THR D 82 -15.20 7.96 4.25
CA THR D 82 -14.55 8.37 5.48
C THR D 82 -13.62 9.54 5.20
N PRO D 83 -13.59 10.52 6.10
CA PRO D 83 -12.52 11.50 5.96
C PRO D 83 -11.20 10.82 6.30
N THR D 84 -10.07 11.30 5.79
CA THR D 84 -8.80 10.70 6.19
C THR D 84 -8.42 11.09 7.60
N ARG D 85 -7.66 10.21 8.24
CA ARG D 85 -6.96 10.54 9.47
C ARG D 85 -5.52 10.08 9.23
N PHE D 86 -4.69 11.01 8.75
CA PHE D 86 -3.30 10.73 8.47
C PHE D 86 -3.13 9.55 7.51
N GLY D 87 -4.00 9.48 6.50
CA GLY D 87 -3.84 8.49 5.44
C GLY D 87 -4.46 7.12 5.72
N ASN D 88 -5.25 7.04 6.79
CA ASN D 88 -6.08 5.87 7.10
C ASN D 88 -7.52 6.31 7.25
N MET D 89 -8.46 5.36 7.23
CA MET D 89 -9.85 5.70 7.57
C MET D 89 -9.90 6.22 9.00
N CYS D 90 -10.97 6.96 9.36
CA CYS D 90 -11.08 7.53 10.68
C CYS D 90 -11.43 6.44 11.72
N SER D 91 -11.15 6.75 12.99
CA SER D 91 -11.41 5.80 14.06
C SER D 91 -12.88 5.42 14.17
N GLN D 92 -13.78 6.34 13.85
CA GLN D 92 -15.20 5.99 13.90
C GLN D 92 -15.55 4.86 12.91
N MET D 93 -15.03 4.96 11.69
CA MET D 93 -15.24 3.93 10.68
C MET D 93 -14.49 2.66 11.09
N ARG D 94 -13.29 2.83 11.61
CA ARG D 94 -12.50 1.67 12.00
C ARG D 94 -13.20 0.91 13.10
N ASN D 95 -13.78 1.63 14.06
CA ASN D 95 -14.43 0.95 15.16
C ASN D 95 -15.65 0.19 14.69
N PHE D 96 -16.38 0.78 13.74
CA PHE D 96 -17.54 0.10 13.21
C PHE D 96 -17.12 -1.18 12.50
N LEU D 97 -16.09 -1.07 11.66
CA LEU D 97 -15.62 -2.22 10.91
C LEU D 97 -15.03 -3.30 11.82
N ASP D 98 -14.47 -2.88 12.96
CA ASP D 98 -13.92 -3.85 13.90
C ASP D 98 -15.01 -4.68 14.58
N GLN D 99 -16.26 -4.29 14.38
CA GLN D 99 -17.39 -5.02 14.94
C GLN D 99 -18.00 -6.01 13.96
N THR D 100 -17.41 -6.13 12.78
CA THR D 100 -17.91 -7.04 11.75
C THR D 100 -17.24 -8.42 11.71
N GLY D 101 -16.62 -8.84 12.82
CA GLY D 101 -16.02 -10.15 12.88
C GLY D 101 -17.03 -11.28 12.71
N GLY D 102 -18.23 -11.13 13.28
CA GLY D 102 -19.27 -12.12 13.09
C GLY D 102 -19.69 -12.18 11.62
N LEU D 103 -19.83 -11.00 11.02
CA LEU D 103 -20.18 -10.93 9.61
C LEU D 103 -19.10 -11.61 8.76
N TRP D 104 -17.83 -11.39 9.11
CA TRP D 104 -16.72 -12.02 8.42
C TRP D 104 -16.76 -13.56 8.55
N MET D 105 -17.07 -14.02 9.76
CA MET D 105 -17.12 -15.46 10.03
C MET D 105 -18.20 -16.12 9.19
N SER D 106 -19.28 -15.38 8.97
CA SER D 106 -20.41 -15.90 8.20
C SER D 106 -20.25 -15.75 6.69
N GLY D 107 -19.16 -15.11 6.25
CA GLY D 107 -18.95 -14.86 4.83
C GLY D 107 -19.97 -13.89 4.24
N GLY D 108 -20.49 -13.01 5.09
CA GLY D 108 -21.62 -12.16 4.76
C GLY D 108 -21.41 -11.18 3.61
N LEU D 109 -20.16 -10.79 3.35
CA LEU D 109 -19.86 -9.84 2.28
C LEU D 109 -19.09 -10.48 1.12
N ILE D 110 -18.91 -11.80 1.15
CA ILE D 110 -18.17 -12.45 0.07
C ILE D 110 -18.89 -12.27 -1.27
N GLY D 111 -18.14 -11.76 -2.25
CA GLY D 111 -18.63 -11.59 -3.61
C GLY D 111 -19.45 -10.31 -3.81
N LYS D 112 -19.63 -9.56 -2.74
CA LYS D 112 -20.34 -8.29 -2.87
C LYS D 112 -19.38 -7.22 -3.37
N VAL D 113 -19.90 -6.19 -4.05
CA VAL D 113 -19.05 -5.11 -4.56
C VAL D 113 -18.74 -4.12 -3.45
N GLY D 114 -17.47 -3.79 -3.28
CA GLY D 114 -17.07 -2.82 -2.27
C GLY D 114 -16.36 -1.67 -2.97
N SER D 115 -16.55 -0.45 -2.47
CA SER D 115 -15.99 0.75 -3.10
C SER D 115 -15.84 1.81 -2.00
N VAL D 116 -14.99 2.81 -2.21
CA VAL D 116 -14.63 3.76 -1.15
C VAL D 116 -14.52 5.19 -1.70
N PHE D 117 -14.90 6.18 -0.90
CA PHE D 117 -14.59 7.59 -1.22
C PHE D 117 -14.07 8.30 0.04
N THR D 118 -13.33 9.40 -0.14
CA THR D 118 -12.69 10.02 1.01
C THR D 118 -12.62 11.55 0.92
N SER D 119 -12.06 12.16 1.96
CA SER D 119 -11.88 13.61 2.01
C SER D 119 -10.59 13.90 2.76
N THR D 120 -9.83 14.88 2.29
CA THR D 120 -8.61 15.24 2.99
C THR D 120 -8.43 16.74 3.05
N ALA D 121 -7.54 17.19 3.92
CA ALA D 121 -7.27 18.61 4.09
C ALA D 121 -6.35 19.13 3.00
N SER D 122 -5.37 18.30 2.61
CA SER D 122 -4.33 18.76 1.69
C SER D 122 -4.39 18.00 0.36
N GLN D 123 -3.72 18.54 -0.66
CA GLN D 123 -3.81 17.95 -2.00
C GLN D 123 -3.33 16.49 -2.14
N HIS D 124 -2.30 16.11 -1.40
CA HIS D 124 -1.82 14.71 -1.49
C HIS D 124 -1.53 14.11 -0.13
N GLY D 125 -2.28 14.56 0.88
CA GLY D 125 -2.18 14.00 2.21
C GLY D 125 -3.23 12.91 2.39
N GLY D 126 -3.00 11.77 1.76
CA GLY D 126 -3.88 10.63 1.93
C GLY D 126 -5.10 10.59 1.03
N GLN D 127 -5.06 11.32 -0.08
CA GLN D 127 -6.14 11.22 -1.07
C GLN D 127 -6.24 9.81 -1.62
N GLU D 128 -5.10 9.15 -1.74
CA GLU D 128 -5.02 7.84 -2.38
C GLU D 128 -4.80 6.77 -1.31
N THR D 129 -3.86 7.01 -0.41
CA THR D 129 -3.50 5.99 0.58
C THR D 129 -4.68 5.61 1.48
N THR D 130 -5.54 6.57 1.80
CA THR D 130 -6.71 6.29 2.64
C THR D 130 -7.59 5.25 1.98
N ILE D 131 -7.71 5.37 0.67
CA ILE D 131 -8.59 4.47 -0.07
C ILE D 131 -7.95 3.11 -0.25
N THR D 132 -6.67 3.08 -0.59
CA THR D 132 -6.04 1.78 -0.86
C THR D 132 -5.93 0.95 0.42
N SER D 133 -5.76 1.62 1.56
CA SER D 133 -5.69 0.91 2.83
C SER D 133 -7.10 0.43 3.20
N PHE D 134 -8.12 1.16 2.78
CA PHE D 134 -9.49 0.72 3.03
C PHE D 134 -9.77 -0.54 2.21
N HIS D 135 -9.29 -0.55 0.97
CA HIS D 135 -9.45 -1.70 0.09
C HIS D 135 -8.97 -2.99 0.77
N THR D 136 -7.89 -2.89 1.54
CA THR D 136 -7.34 -4.05 2.20
C THR D 136 -8.43 -4.74 3.02
N THR D 137 -9.12 -3.96 3.85
CA THR D 137 -10.17 -4.51 4.69
C THR D 137 -11.29 -5.13 3.87
N LEU D 138 -11.68 -4.45 2.80
CA LEU D 138 -12.73 -4.97 1.93
C LEU D 138 -12.32 -6.33 1.32
N LEU D 139 -11.05 -6.46 0.96
CA LEU D 139 -10.54 -7.74 0.49
C LEU D 139 -10.57 -8.86 1.55
N HIS D 140 -10.29 -8.54 2.82
CA HIS D 140 -10.40 -9.56 3.85
C HIS D 140 -11.85 -10.04 3.96
N HIS D 141 -12.80 -9.16 3.65
CA HIS D 141 -14.21 -9.53 3.67
C HIS D 141 -14.68 -10.22 2.39
N GLY D 142 -13.76 -10.46 1.47
CA GLY D 142 -14.10 -11.20 0.26
C GLY D 142 -14.83 -10.38 -0.78
N MET D 143 -14.77 -9.05 -0.67
CA MET D 143 -15.46 -8.21 -1.63
C MET D 143 -14.71 -8.05 -2.96
N VAL D 144 -15.45 -7.75 -4.02
CA VAL D 144 -14.79 -7.40 -5.28
C VAL D 144 -14.71 -5.89 -5.29
N ILE D 145 -13.52 -5.36 -5.61
CA ILE D 145 -13.25 -3.93 -5.44
C ILE D 145 -13.46 -3.16 -6.73
N VAL D 146 -14.16 -2.04 -6.62
CA VAL D 146 -14.43 -1.20 -7.77
C VAL D 146 -13.99 0.22 -7.43
N GLY D 147 -13.24 0.85 -8.34
CA GLY D 147 -12.85 2.24 -8.16
C GLY D 147 -13.59 3.12 -9.15
N VAL D 148 -12.92 4.15 -9.65
CA VAL D 148 -13.49 5.03 -10.69
C VAL D 148 -12.60 4.95 -11.95
N PRO D 149 -13.12 4.37 -13.04
CA PRO D 149 -12.32 4.28 -14.26
C PRO D 149 -12.07 5.64 -14.92
N TYR D 150 -11.05 5.71 -15.76
CA TYR D 150 -10.64 6.96 -16.40
C TYR D 150 -11.54 7.35 -17.58
N SER D 151 -12.63 6.62 -17.76
CA SER D 151 -13.70 7.05 -18.64
C SER D 151 -14.44 8.27 -18.06
N GLU D 152 -14.19 8.59 -16.80
CA GLU D 152 -14.70 9.81 -16.20
C GLU D 152 -13.69 10.96 -16.37
N PRO D 153 -14.04 11.99 -17.15
CA PRO D 153 -13.10 13.07 -17.51
C PRO D 153 -12.63 13.86 -16.30
N GLY D 154 -13.43 13.91 -15.26
CA GLY D 154 -13.06 14.65 -14.06
C GLY D 154 -11.72 14.23 -13.48
N LEU D 155 -11.36 12.96 -13.65
CA LEU D 155 -10.14 12.44 -13.04
C LEU D 155 -8.89 13.06 -13.64
N THR D 156 -9.00 13.64 -14.83
CA THR D 156 -7.80 14.13 -15.49
C THR D 156 -7.81 15.64 -15.62
N ASN D 157 -8.73 16.27 -14.88
CA ASN D 157 -8.83 17.72 -14.86
C ASN D 157 -7.51 18.34 -14.41
N MET D 158 -7.06 19.35 -15.16
CA MET D 158 -5.87 20.11 -14.79
C MET D 158 -6.11 21.62 -14.84
N THR D 159 -7.37 22.02 -14.69
CA THR D 159 -7.68 23.45 -14.69
C THR D 159 -7.99 23.98 -13.30
N GLU D 160 -8.32 23.11 -12.36
CA GLU D 160 -8.59 23.55 -10.99
C GLU D 160 -8.19 22.48 -9.99
N ILE D 161 -7.86 22.89 -8.77
CA ILE D 161 -7.59 21.92 -7.71
C ILE D 161 -8.80 21.01 -7.60
N SER D 162 -8.60 19.70 -7.63
CA SER D 162 -9.74 18.80 -7.55
C SER D 162 -9.37 17.48 -6.89
N GLY D 163 -10.31 16.93 -6.14
CA GLY D 163 -10.22 15.56 -5.68
C GLY D 163 -10.61 14.63 -6.82
N GLY D 164 -10.76 13.35 -6.49
CA GLY D 164 -11.11 12.34 -7.47
C GLY D 164 -9.90 11.51 -7.85
N THR D 165 -9.96 10.20 -7.59
CA THR D 165 -8.86 9.28 -7.84
C THR D 165 -9.40 8.04 -8.55
N PRO D 166 -8.54 7.31 -9.30
CA PRO D 166 -8.99 6.08 -9.95
C PRO D 166 -9.34 5.00 -8.92
N TYR D 167 -8.96 5.23 -7.67
CA TYR D 167 -9.21 4.25 -6.62
C TYR D 167 -10.58 4.48 -5.97
N GLY D 168 -11.14 5.67 -6.19
CA GLY D 168 -12.38 6.08 -5.55
C GLY D 168 -12.47 7.60 -5.52
N ALA D 169 -13.67 8.14 -5.40
CA ALA D 169 -13.83 9.59 -5.44
C ALA D 169 -13.30 10.27 -4.18
N SER D 170 -12.97 11.56 -4.29
CA SER D 170 -12.53 12.27 -3.10
C SER D 170 -12.81 13.76 -3.22
N THR D 171 -12.73 14.45 -2.09
CA THR D 171 -12.91 15.89 -2.05
C THR D 171 -11.84 16.46 -1.11
N LEU D 172 -11.66 17.78 -1.16
CA LEU D 172 -10.68 18.47 -0.34
C LEU D 172 -11.38 19.46 0.58
N ALA D 173 -11.01 19.44 1.86
CA ALA D 173 -11.69 20.24 2.87
C ALA D 173 -10.92 21.51 3.18
N GLY D 174 -9.67 21.56 2.78
CA GLY D 174 -8.80 22.69 3.11
C GLY D 174 -8.31 22.58 4.55
N ALA D 175 -7.35 23.44 4.90
CA ALA D 175 -6.75 23.40 6.23
C ALA D 175 -7.74 23.68 7.36
N ASP D 176 -8.71 24.54 7.09
CA ASP D 176 -9.68 24.94 8.11
C ASP D 176 -11.04 24.25 7.95
N GLY D 177 -11.14 23.38 6.95
CA GLY D 177 -12.34 22.59 6.75
C GLY D 177 -13.47 23.34 6.08
N SER D 178 -13.16 24.50 5.50
CA SER D 178 -14.18 25.40 4.97
C SER D 178 -14.45 25.23 3.47
N ARG D 179 -13.60 24.50 2.77
CA ARG D 179 -13.78 24.29 1.33
C ARG D 179 -14.98 23.38 1.08
N GLN D 180 -15.84 23.76 0.14
CA GLN D 180 -17.01 22.95 -0.20
C GLN D 180 -16.63 22.04 -1.37
N PRO D 181 -17.21 20.83 -1.42
CA PRO D 181 -16.94 19.98 -2.58
C PRO D 181 -17.26 20.68 -3.89
N SER D 182 -16.36 20.53 -4.86
CA SER D 182 -16.52 21.21 -6.16
C SER D 182 -17.49 20.46 -7.06
N GLU D 183 -17.94 21.11 -8.13
CA GLU D 183 -18.81 20.41 -9.06
C GLU D 183 -18.06 19.25 -9.72
N ASN D 184 -16.77 19.44 -10.00
CA ASN D 184 -15.98 18.34 -10.55
C ASN D 184 -15.95 17.15 -9.61
N GLU D 185 -15.74 17.42 -8.32
CA GLU D 185 -15.65 16.33 -7.35
C GLU D 185 -16.97 15.60 -7.20
N LEU D 186 -18.07 16.35 -7.20
CA LEU D 186 -19.37 15.69 -7.05
C LEU D 186 -19.72 14.87 -8.28
N GLN D 187 -19.34 15.35 -9.46
CA GLN D 187 -19.61 14.61 -10.69
C GLN D 187 -18.89 13.27 -10.66
N ILE D 188 -17.64 13.28 -10.22
CA ILE D 188 -16.89 12.05 -10.09
C ILE D 188 -17.57 11.07 -9.13
N ALA D 189 -18.05 11.58 -7.99
CA ALA D 189 -18.77 10.76 -7.04
C ALA D 189 -20.06 10.19 -7.64
N ARG D 190 -20.82 11.02 -8.36
CA ARG D 190 -21.99 10.48 -9.05
C ARG D 190 -21.56 9.36 -10.01
N PHE D 191 -20.49 9.58 -10.74
CA PHE D 191 -20.01 8.55 -11.66
C PHE D 191 -19.72 7.26 -10.89
N GLN D 192 -19.04 7.40 -9.76
CA GLN D 192 -18.69 6.23 -8.95
C GLN D 192 -19.93 5.46 -8.53
N GLY D 193 -20.92 6.21 -8.05
CA GLY D 193 -22.16 5.58 -7.62
C GLY D 193 -22.86 4.80 -8.71
N LYS D 194 -22.96 5.39 -9.91
CA LYS D 194 -23.63 4.74 -11.02
C LYS D 194 -22.83 3.53 -11.46
N HIS D 195 -21.52 3.68 -11.49
CA HIS D 195 -20.64 2.60 -11.94
C HIS D 195 -20.73 1.42 -10.97
N VAL D 196 -20.61 1.69 -9.68
CA VAL D 196 -20.73 0.63 -8.69
C VAL D 196 -22.11 -0.04 -8.79
N ALA D 197 -23.16 0.76 -8.84
CA ALA D 197 -24.52 0.20 -8.92
C ALA D 197 -24.69 -0.69 -10.15
N THR D 198 -24.07 -0.29 -11.25
CA THR D 198 -24.18 -1.02 -12.53
C THR D 198 -23.47 -2.36 -12.45
N ILE D 199 -22.25 -2.35 -11.92
CA ILE D 199 -21.52 -3.60 -11.72
C ILE D 199 -22.27 -4.52 -10.76
N ALA D 200 -22.71 -3.97 -9.62
CA ALA D 200 -23.46 -4.76 -8.65
C ALA D 200 -24.70 -5.38 -9.25
N LYS D 201 -25.42 -4.61 -10.07
CA LYS D 201 -26.65 -5.11 -10.68
C LYS D 201 -26.35 -6.26 -11.66
N ARG D 202 -25.27 -6.11 -12.41
CA ARG D 202 -24.86 -7.15 -13.35
C ARG D 202 -24.48 -8.42 -12.60
N LEU D 203 -23.75 -8.26 -11.49
CA LEU D 203 -23.40 -9.41 -10.66
C LEU D 203 -24.62 -10.05 -10.00
N ALA D 204 -25.64 -9.26 -9.66
CA ALA D 204 -26.77 -9.76 -8.88
C ALA D 204 -27.82 -10.45 -9.73
N ASN D 205 -28.04 -9.95 -10.93
CA ASN D 205 -28.97 -10.58 -11.86
C ASN D 205 -28.39 -11.87 -12.44
N1 FMN E . 0.14 9.30 -15.03
C2 FMN E . -0.83 9.15 -14.09
O2 FMN E . -1.20 10.10 -13.37
N3 FMN E . -1.47 7.96 -13.91
C4 FMN E . -1.16 6.90 -14.66
O4 FMN E . -1.77 5.85 -14.57
C4A FMN E . -0.18 7.03 -15.62
N5 FMN E . 0.14 5.99 -16.36
C5A FMN E . 1.07 6.07 -17.32
C6 FMN E . 1.36 4.95 -18.09
C7 FMN E . 2.32 5.01 -19.08
C7M FMN E . 2.63 3.77 -19.91
C8 FMN E . 3.00 6.21 -19.30
C8M FMN E . 4.07 6.29 -20.42
C9 FMN E . 2.71 7.33 -18.53
C9A FMN E . 1.74 7.27 -17.54
N10 FMN E . 1.43 8.34 -16.77
C10 FMN E . 0.47 8.25 -15.81
C1' FMN E . 2.13 9.68 -17.03
C2' FMN E . 3.48 9.91 -16.52
O2' FMN E . 3.89 9.28 -15.58
C3' FMN E . 4.12 11.23 -16.86
O3' FMN E . 4.21 11.42 -18.23
C4' FMN E . 5.53 11.28 -16.29
O4' FMN E . 5.48 11.73 -14.98
C5' FMN E . 6.56 12.16 -16.99
O5' FMN E . 7.85 12.30 -16.26
P FMN E . 9.17 12.18 -17.05
O1P FMN E . 9.17 13.37 -18.08
O2P FMN E . 10.38 12.40 -16.08
O3P FMN E . 9.25 10.86 -17.79
N1 FMN F . -6.34 -11.80 11.69
C2 FMN F . -6.04 -11.93 10.37
O2 FMN F . -5.06 -12.61 9.96
N3 FMN F . -6.81 -11.38 9.40
C4 FMN F . -7.89 -10.68 9.71
O4 FMN F . -8.62 -10.22 8.83
C4A FMN F . -8.21 -10.52 11.04
N5 FMN F . -9.30 -9.81 11.32
C5A FMN F . -9.67 -9.64 12.60
C6 FMN F . -10.82 -8.91 12.85
C7 FMN F . -11.24 -8.70 14.15
C7M FMN F . -12.49 -7.89 14.41
C8 FMN F . -10.49 -9.24 15.20
C8M FMN F . -10.97 -9.03 16.65
C9 FMN F . -9.34 -9.98 14.93
C9A FMN F . -8.92 -10.20 13.63
N10 FMN F . -7.80 -10.91 13.35
C10 FMN F . -7.44 -11.09 12.04
C1' FMN F . -6.93 -11.51 14.46
C2' FMN F . -6.19 -10.59 15.35
O2' FMN F . -5.71 -9.59 14.87
C3' FMN F . -5.93 -10.92 16.81
O3' FMN F . -6.66 -12.01 17.24
C4' FMN F . -4.49 -11.25 17.20
O4' FMN F . -3.55 -10.48 16.51
C5' FMN F . -4.20 -11.08 18.69
O5' FMN F . -3.45 -9.88 19.19
P FMN F . -3.70 -9.37 20.64
O1P FMN F . -3.79 -10.65 21.59
O2P FMN F . -5.09 -8.64 20.71
O3P FMN F . -2.60 -8.45 21.07
N1 FMN G . 11.74 -12.91 -2.32
C2 FMN G . 11.36 -12.30 -1.17
O2 FMN G . 10.63 -12.90 -0.33
N3 FMN G . 11.72 -11.03 -0.87
C4 FMN G . 12.49 -10.33 -1.71
O4 FMN G . 12.86 -9.21 -1.42
C4A FMN G . 12.90 -10.92 -2.88
N5 FMN G . 13.68 -10.21 -3.71
C5A FMN G . 14.10 -10.76 -4.85
C6 FMN G . 14.91 -10.01 -5.70
C7 FMN G . 15.36 -10.56 -6.90
C7M FMN G . 16.24 -9.72 -7.81
C8 FMN G . 15.00 -11.85 -7.24
C8M FMN G . 15.51 -12.47 -8.55
C9 FMN G . 14.20 -12.61 -6.39
C9A FMN G . 13.74 -12.07 -5.20
N10 FMN G . 12.96 -12.78 -4.36
C10 FMN G . 12.53 -12.22 -3.19
C1' FMN G . 12.62 -14.24 -4.69
C2' FMN G . 11.59 -14.60 -5.67
O2' FMN G . 10.67 -13.83 -5.87
C3' FMN G . 11.47 -16.03 -6.11
O3' FMN G . 12.58 -16.45 -6.84
C4' FMN G . 10.26 -16.31 -6.99
O4' FMN G . 9.20 -16.70 -6.20
C5' FMN G . 10.44 -17.40 -8.03
O5' FMN G . 9.26 -17.71 -8.92
P FMN G . 9.51 -18.09 -10.40
O1P FMN G . 10.33 -19.45 -10.37
O2P FMN G . 8.16 -18.46 -11.11
O3P FMN G . 10.26 -17.01 -11.13
N1 FMN H . -5.83 15.84 6.04
C2 FMN H . -4.67 15.63 5.35
O2 FMN H . -4.61 15.94 4.13
N3 FMN H . -3.58 15.08 5.95
C4 FMN H . -3.63 14.73 7.24
O4 FMN H . -2.63 14.30 7.80
C4A FMN H . -4.79 14.91 7.96
N5 FMN H . -4.85 14.56 9.24
C5A FMN H . -5.97 14.76 9.95
C6 FMN H . -6.01 14.38 11.29
C7 FMN H . -7.16 14.57 12.04
C7M FMN H . -7.19 14.16 13.50
C8 FMN H . -8.28 15.13 11.44
C8M FMN H . -9.56 15.37 12.29
C9 FMN H . -8.25 15.51 10.11
C9A FMN H . -7.10 15.32 9.36
N10 FMN H . -7.04 15.67 8.05
C10 FMN H . -5.89 15.48 7.34
C1' FMN H . -8.19 16.36 7.34
C2' FMN H . -9.54 15.79 7.28
O2' FMN H . -9.66 14.64 6.98
C3' FMN H . -10.66 16.74 6.95
O3' FMN H . -11.08 17.48 8.03
C4' FMN H . -11.87 15.99 6.41
O4' FMN H . -11.72 15.80 5.04
C5' FMN H . -13.23 16.66 6.61
O5' FMN H . -14.38 15.93 6.01
P FMN H . -15.60 15.64 6.92
O1P FMN H . -16.35 17.04 7.05
O2P FMN H . -16.58 14.65 6.24
O3P FMN H . -15.14 15.10 8.26
#